data_9I93
#
_entry.id   9I93
#
_cell.length_a   1.00
_cell.length_b   1.00
_cell.length_c   1.00
_cell.angle_alpha   90.00
_cell.angle_beta   90.00
_cell.angle_gamma   90.00
#
_symmetry.space_group_name_H-M   'P 1'
#
loop_
_entity.id
_entity.type
_entity.pdbx_description
1 polymer 'LPS-assembly protein LptD'
2 polymer 'LPS-assembly lipoprotein LptE'
3 polymer 'Compound 2 - Bicyclic Peptide Binder'
4 non-polymer DODECYL-BETA-D-MALTOSIDE
5 non-polymer 2,4,6-tris(chloromethyl)-1,3,5-triazine
#
loop_
_entity_poly.entity_id
_entity_poly.type
_entity_poly.pdbx_seq_one_letter_code
_entity_poly.pdbx_strand_id
1 'polypeptide(L)'
;ADLASQCMLGVPSYDRPLVQGDTNDLPVTINADHAKGDYPDDAVFTGSVDIMQGNSRLQADEVQLHQKEAPGQPEPVRTV
DALGNVHYDDNQVILKGPKGWANLNTKDTNVWEGDYQMVGRQGRGKADLMKQRGENRYTILDNGSFTSCLPGSDTWSVVG
SEIIHDREEQVAEIWNARFKVGPVPIFYSPYLQLPVGDKRRSGFLIPNAKYTTTNYFEFYLPYYWNIAPNMDATITPHYM
HRRGNIMWENEFRYLSQAGAGLMELDYLPSDKVYEDEHPNDDSSRRWLFYWNHSGVMDQVWRFNVDYTKVSDPSYFNDFD
NKYGSSTDGYATQKFSVGYAVQNFNATVSTKQFQVFSEQNTSSYSAEPQLDVNYYQNDVGPFDTRIYGQAVHFVNTRDDM
PEATRVHLEPTINLPLSNNWGSINTEAKFLATHYQQTNLDWYNSRNTTKLDESVNRVMPQFKVDGKMVFERDMEMLAPGY
TQTLEPRAQYLYVPYRDQSDIYNYDSSLLQSDYSGLFRDRTYGGLDRIASANQVTTGVTSRIYDDAAVERFNISVGQIYY
FTESRTGDDNITWENDDKTGSLVWAGDTYWRISERWGLRGGIQYDTRLDNVATSNSSIEYRRDEDRLVQLNYHYASPEYI
QATLPKYYSTAEQYKNGISQVGAVASRPIADRWSIVGAYYYDTNANKQADSMLGVQYSSCCYAIRVGYERKLNGWDNDKQ
HAVYDNAIGFNIELRGLSSNYGLGTQEMLRSNILPYQNTL
;
A
2 'polypeptide(L)'
;CGWHLRDTTQVPSTMKVMILDSGDPNGPLSRAVRNQLRLNGVELLDKETTRKDVPSLRLGKVSIAKDTASVFRNGQTAEY
QMIMTVNATVLIPGRDIYPISAKVFRSFFDNPQMALAKDNEQDMIVKEMYDRAAEQLIRKLPSIRAADIRSDEEQTSTTT
DTPATPARVSTMLGNHHHHHH
;
B
3 'polypeptide(L)' ACRAKCDWFSWLDDCA(NH2) C
#
# COMPACT_ATOMS: atom_id res chain seq x y z
N SER A 202 -32.23 -16.93 11.41
CA SER A 202 -32.17 -17.27 12.82
C SER A 202 -33.00 -16.30 13.66
N GLY A 203 -32.36 -15.63 14.61
CA GLY A 203 -33.07 -14.76 15.53
C GLY A 203 -32.33 -13.50 15.91
N PHE A 204 -32.86 -12.78 16.90
CA PHE A 204 -32.28 -11.52 17.31
C PHE A 204 -30.92 -11.72 17.98
N LEU A 205 -29.99 -10.83 17.67
CA LEU A 205 -28.75 -10.75 18.41
C LEU A 205 -28.95 -9.93 19.68
N ILE A 206 -27.97 -9.98 20.57
CA ILE A 206 -28.02 -9.20 21.80
C ILE A 206 -27.69 -7.74 21.49
N PRO A 207 -28.52 -6.79 21.94
CA PRO A 207 -28.30 -5.39 21.58
C PRO A 207 -27.06 -4.81 22.23
N ASN A 208 -26.57 -3.72 21.64
CA ASN A 208 -25.45 -2.96 22.16
C ASN A 208 -25.81 -1.48 22.13
N ALA A 209 -25.01 -0.66 22.80
CA ALA A 209 -25.34 0.76 22.87
C ALA A 209 -24.06 1.57 22.93
N LYS A 210 -24.21 2.89 22.80
CA LYS A 210 -23.06 3.77 22.96
C LYS A 210 -23.55 5.20 23.13
N TYR A 211 -22.65 6.06 23.59
CA TYR A 211 -22.90 7.48 23.72
C TYR A 211 -21.80 8.21 23.00
N THR A 212 -22.17 9.05 22.03
CA THR A 212 -21.23 9.84 21.26
C THR A 212 -21.63 11.30 21.33
N THR A 213 -20.64 12.18 21.10
CA THR A 213 -20.91 13.62 21.10
C THR A 213 -21.61 14.08 19.83
N THR A 214 -21.69 13.25 18.80
CA THR A 214 -22.32 13.62 17.54
C THR A 214 -23.76 13.13 17.41
N ASN A 215 -24.10 12.01 18.06
CA ASN A 215 -25.46 11.46 17.96
C ASN A 215 -26.10 11.24 19.32
N TYR A 216 -25.43 11.61 20.41
CA TYR A 216 -25.91 11.40 21.78
C TYR A 216 -26.02 9.90 22.00
N PHE A 217 -27.17 9.38 22.43
CA PHE A 217 -27.32 7.97 22.76
C PHE A 217 -27.72 7.19 21.52
N GLU A 218 -26.91 6.21 21.13
CA GLU A 218 -27.17 5.35 19.97
C GLU A 218 -27.43 3.94 20.47
N PHE A 219 -28.49 3.33 19.94
CA PHE A 219 -28.91 1.98 20.33
C PHE A 219 -28.90 1.11 19.07
N TYR A 220 -28.24 -0.04 19.14
CA TYR A 220 -28.24 -0.99 18.04
C TYR A 220 -29.11 -2.19 18.40
N LEU A 221 -29.92 -2.64 17.45
CA LEU A 221 -30.76 -3.83 17.65
C LEU A 221 -30.57 -4.79 16.48
N PRO A 222 -29.41 -5.46 16.42
CA PRO A 222 -29.14 -6.34 15.28
C PRO A 222 -30.03 -7.56 15.28
N TYR A 223 -30.26 -8.08 14.07
CA TYR A 223 -31.05 -9.29 13.86
C TYR A 223 -30.38 -10.11 12.77
N TYR A 224 -30.04 -11.36 13.10
CA TYR A 224 -29.41 -12.25 12.14
C TYR A 224 -30.46 -12.89 11.25
N TRP A 225 -30.03 -13.29 10.04
CA TRP A 225 -30.92 -13.92 9.09
C TRP A 225 -30.08 -14.90 8.27
N ASN A 226 -30.09 -16.17 8.67
CA ASN A 226 -29.35 -17.21 7.98
C ASN A 226 -30.21 -17.70 6.83
N ILE A 227 -30.07 -17.04 5.68
CA ILE A 227 -30.94 -17.32 4.54
C ILE A 227 -30.66 -18.71 3.98
N ALA A 228 -29.38 -19.07 3.90
CA ALA A 228 -28.99 -20.36 3.34
C ALA A 228 -27.54 -20.63 3.67
N PRO A 229 -27.00 -21.80 3.30
CA PRO A 229 -25.55 -21.99 3.41
C PRO A 229 -24.81 -21.03 2.50
N ASN A 230 -23.58 -20.70 2.90
CA ASN A 230 -22.65 -19.78 2.24
C ASN A 230 -23.25 -18.42 1.86
N MET A 231 -24.26 -17.96 2.60
CA MET A 231 -24.77 -16.61 2.45
C MET A 231 -25.73 -16.30 3.60
N ASP A 232 -25.53 -15.17 4.25
CA ASP A 232 -26.38 -14.75 5.35
C ASP A 232 -26.53 -13.23 5.32
N ALA A 233 -27.41 -12.72 6.17
CA ALA A 233 -27.69 -11.30 6.21
C ALA A 233 -27.91 -10.86 7.65
N THR A 234 -27.79 -9.55 7.86
CA THR A 234 -28.00 -8.94 9.16
C THR A 234 -28.72 -7.63 8.99
N ILE A 235 -29.81 -7.43 9.74
CA ILE A 235 -30.61 -6.22 9.69
C ILE A 235 -30.50 -5.53 11.04
N THR A 236 -30.03 -4.29 11.04
CA THR A 236 -29.77 -3.56 12.27
C THR A 236 -30.51 -2.24 12.28
N PRO A 237 -31.56 -2.09 13.09
CA PRO A 237 -32.05 -0.75 13.43
C PRO A 237 -31.09 -0.09 14.40
N HIS A 238 -30.59 1.09 14.01
CA HIS A 238 -29.64 1.85 14.80
C HIS A 238 -30.32 3.18 15.12
N TYR A 239 -30.88 3.28 16.31
CA TYR A 239 -31.59 4.50 16.71
C TYR A 239 -30.59 5.52 17.22
N MET A 240 -30.61 6.70 16.61
CA MET A 240 -29.80 7.84 17.02
C MET A 240 -30.72 8.92 17.55
N HIS A 241 -30.40 9.43 18.75
CA HIS A 241 -31.30 10.32 19.46
C HIS A 241 -31.09 11.78 19.06
N ARG A 242 -29.86 12.18 18.78
CA ARG A 242 -29.61 13.55 18.35
C ARG A 242 -30.28 13.84 17.01
N ARG A 243 -30.20 12.89 16.09
CA ARG A 243 -30.92 12.98 14.82
C ARG A 243 -32.34 12.47 14.93
N GLY A 244 -32.68 11.80 16.04
CA GLY A 244 -34.04 11.37 16.32
C GLY A 244 -34.62 10.43 15.28
N ASN A 245 -33.87 9.42 14.86
CA ASN A 245 -34.38 8.53 13.82
C ASN A 245 -33.58 7.24 13.83
N ILE A 246 -34.09 6.26 13.08
CA ILE A 246 -33.53 4.93 13.02
C ILE A 246 -32.85 4.75 11.68
N MET A 247 -31.54 4.57 11.70
CA MET A 247 -30.79 4.15 10.52
C MET A 247 -30.98 2.65 10.32
N TRP A 248 -31.51 2.25 9.17
CA TRP A 248 -31.66 0.85 8.85
C TRP A 248 -30.40 0.40 8.12
N GLU A 249 -29.66 -0.52 8.74
CA GLU A 249 -28.44 -1.04 8.16
C GLU A 249 -28.66 -2.49 7.74
N ASN A 250 -28.20 -2.84 6.54
CA ASN A 250 -28.34 -4.18 6.03
C ASN A 250 -26.99 -4.68 5.56
N GLU A 251 -26.61 -5.87 6.01
CA GLU A 251 -25.36 -6.51 5.61
C GLU A 251 -25.68 -7.85 4.97
N PHE A 252 -24.98 -8.17 3.89
CA PHE A 252 -25.22 -9.39 3.13
C PHE A 252 -23.88 -10.01 2.79
N ARG A 253 -23.54 -11.13 3.43
CA ARG A 253 -22.30 -11.83 3.18
C ARG A 253 -22.59 -13.07 2.35
N TYR A 254 -21.78 -13.32 1.32
CA TYR A 254 -22.06 -14.42 0.42
C TYR A 254 -20.76 -15.06 -0.05
N LEU A 255 -20.85 -16.34 -0.38
CA LEU A 255 -19.78 -17.11 -1.00
C LEU A 255 -20.32 -17.73 -2.27
N SER A 256 -19.49 -17.79 -3.31
CA SER A 256 -19.92 -18.35 -4.58
C SER A 256 -18.68 -18.76 -5.37
N GLN A 257 -18.93 -19.38 -6.53
CA GLN A 257 -17.83 -19.80 -7.41
C GLN A 257 -17.02 -18.61 -7.89
N ALA A 258 -17.64 -17.45 -8.04
CA ALA A 258 -16.92 -16.24 -8.42
C ALA A 258 -16.06 -15.68 -7.29
N GLY A 259 -16.30 -16.10 -6.04
CA GLY A 259 -15.51 -15.63 -4.93
C GLY A 259 -16.37 -15.29 -3.75
N ALA A 260 -15.81 -14.54 -2.80
CA ALA A 260 -16.50 -14.15 -1.59
C ALA A 260 -16.77 -12.66 -1.60
N GLY A 261 -17.96 -12.27 -1.13
CA GLY A 261 -18.37 -10.89 -1.19
C GLY A 261 -19.17 -10.47 0.03
N LEU A 262 -19.20 -9.16 0.24
CA LEU A 262 -19.93 -8.55 1.35
C LEU A 262 -20.52 -7.24 0.86
N MET A 263 -21.83 -7.07 1.04
CA MET A 263 -22.55 -5.87 0.67
C MET A 263 -23.15 -5.22 1.92
N GLU A 264 -23.25 -3.90 1.90
CA GLU A 264 -23.80 -3.14 3.00
C GLU A 264 -24.60 -1.98 2.46
N LEU A 265 -25.80 -1.77 3.02
CA LEU A 265 -26.68 -0.68 2.61
C LEU A 265 -27.27 -0.07 3.88
N ASP A 266 -26.93 1.19 4.15
CA ASP A 266 -27.41 1.91 5.31
C ASP A 266 -28.27 3.08 4.85
N TYR A 267 -29.44 3.23 5.46
CA TYR A 267 -30.39 4.25 5.03
C TYR A 267 -31.00 4.94 6.25
N LEU A 268 -30.88 6.27 6.29
CA LEU A 268 -31.55 7.10 7.27
C LEU A 268 -32.55 7.97 6.53
N PRO A 269 -33.86 7.73 6.70
CA PRO A 269 -34.86 8.45 5.88
C PRO A 269 -34.88 9.96 6.10
N SER A 270 -34.60 10.42 7.32
CA SER A 270 -34.59 11.84 7.59
C SER A 270 -33.61 12.13 8.71
N ASP A 271 -33.03 13.33 8.68
CA ASP A 271 -32.04 13.74 9.65
C ASP A 271 -32.38 15.14 10.16
N LYS A 272 -32.08 15.39 11.43
CA LYS A 272 -32.37 16.67 12.05
C LYS A 272 -31.17 17.60 12.01
N VAL A 273 -29.99 17.08 12.36
CA VAL A 273 -28.77 17.89 12.32
C VAL A 273 -28.45 18.29 10.88
N TYR A 274 -28.56 17.35 9.95
CA TYR A 274 -28.32 17.66 8.54
C TYR A 274 -29.37 18.63 8.00
N GLU A 275 -30.61 18.50 8.46
CA GLU A 275 -31.66 19.43 8.06
C GLU A 275 -31.35 20.84 8.56
N ASP A 276 -30.87 20.96 9.79
CA ASP A 276 -30.50 22.27 10.32
C ASP A 276 -29.31 22.86 9.57
N GLU A 277 -28.31 22.04 9.26
CA GLU A 277 -27.11 22.55 8.61
C GLU A 277 -27.36 22.90 7.15
N HIS A 278 -28.34 22.27 6.51
CA HIS A 278 -28.67 22.52 5.11
C HIS A 278 -30.17 22.76 5.00
N PRO A 279 -30.63 23.97 5.34
CA PRO A 279 -32.08 24.22 5.33
C PRO A 279 -32.69 24.20 3.95
N ASN A 280 -31.94 24.54 2.91
CA ASN A 280 -32.46 24.58 1.55
C ASN A 280 -32.32 23.26 0.82
N ASP A 281 -31.82 22.22 1.48
CA ASP A 281 -31.65 20.92 0.84
C ASP A 281 -33.02 20.30 0.52
N ASP A 282 -33.05 19.52 -0.57
CA ASP A 282 -34.30 18.88 -0.98
C ASP A 282 -34.76 17.86 0.05
N SER A 283 -33.84 17.05 0.57
CA SER A 283 -34.20 16.06 1.58
C SER A 283 -33.00 15.84 2.49
N SER A 284 -33.29 15.36 3.69
CA SER A 284 -32.27 15.13 4.71
C SER A 284 -31.88 13.66 4.83
N ARG A 285 -32.31 12.82 3.89
CA ARG A 285 -31.97 11.41 3.94
C ARG A 285 -30.48 11.19 3.69
N ARG A 286 -29.92 10.20 4.38
CA ARG A 286 -28.53 9.82 4.21
C ARG A 286 -28.46 8.34 3.88
N TRP A 287 -27.42 7.94 3.14
CA TRP A 287 -27.31 6.54 2.82
C TRP A 287 -25.85 6.20 2.49
N LEU A 288 -25.55 4.91 2.61
CA LEU A 288 -24.24 4.36 2.31
C LEU A 288 -24.42 3.04 1.58
N PHE A 289 -23.68 2.86 0.50
CA PHE A 289 -23.64 1.59 -0.22
C PHE A 289 -22.19 1.14 -0.32
N TYR A 290 -21.94 -0.11 0.07
CA TYR A 290 -20.60 -0.68 0.07
C TYR A 290 -20.66 -2.10 -0.49
N TRP A 291 -19.66 -2.45 -1.29
CA TRP A 291 -19.59 -3.79 -1.88
C TRP A 291 -18.13 -4.16 -2.03
N ASN A 292 -17.71 -5.20 -1.32
CA ASN A 292 -16.35 -5.71 -1.41
C ASN A 292 -16.41 -7.17 -1.82
N HIS A 293 -15.95 -7.46 -3.02
CA HIS A 293 -15.98 -8.81 -3.57
C HIS A 293 -14.60 -9.15 -4.10
N SER A 294 -14.16 -10.38 -3.87
CA SER A 294 -12.89 -10.84 -4.40
C SER A 294 -12.99 -12.34 -4.66
N GLY A 295 -12.54 -12.77 -5.82
CA GLY A 295 -12.61 -14.19 -6.15
C GLY A 295 -11.77 -14.55 -7.35
N VAL A 296 -11.38 -15.82 -7.39
CA VAL A 296 -10.67 -16.40 -8.53
C VAL A 296 -11.39 -17.69 -8.90
N MET A 297 -11.91 -17.76 -10.12
CA MET A 297 -12.60 -18.94 -10.63
C MET A 297 -11.71 -19.65 -11.64
N ASP A 298 -11.53 -20.96 -11.43
CA ASP A 298 -10.80 -21.85 -12.33
C ASP A 298 -9.32 -21.51 -12.42
N GLN A 299 -8.79 -20.73 -11.47
CA GLN A 299 -7.40 -20.28 -11.39
C GLN A 299 -7.03 -19.27 -12.47
N VAL A 300 -7.94 -18.89 -13.36
CA VAL A 300 -7.65 -17.98 -14.45
C VAL A 300 -8.50 -16.72 -14.37
N TRP A 301 -9.77 -16.86 -14.01
CA TRP A 301 -10.64 -15.69 -13.93
C TRP A 301 -10.50 -15.03 -12.57
N ARG A 302 -10.34 -13.71 -12.56
CA ARG A 302 -10.20 -12.96 -11.32
C ARG A 302 -11.22 -11.83 -11.34
N PHE A 303 -12.07 -11.78 -10.30
CA PHE A 303 -13.08 -10.75 -10.16
C PHE A 303 -12.82 -9.98 -8.88
N ASN A 304 -12.74 -8.65 -8.99
CA ASN A 304 -12.54 -7.78 -7.85
C ASN A 304 -13.52 -6.61 -7.92
N VAL A 305 -14.16 -6.32 -6.79
CA VAL A 305 -15.05 -5.18 -6.68
C VAL A 305 -14.79 -4.50 -5.34
N ASP A 306 -14.54 -3.19 -5.37
CA ASP A 306 -14.35 -2.39 -4.17
C ASP A 306 -15.13 -1.10 -4.39
N TYR A 307 -16.40 -1.09 -4.01
CA TYR A 307 -17.31 -0.01 -4.34
C TYR A 307 -17.81 0.63 -3.05
N THR A 308 -17.66 1.95 -2.95
CA THR A 308 -18.18 2.69 -1.81
C THR A 308 -18.82 3.97 -2.31
N LYS A 309 -20.03 4.25 -1.82
CA LYS A 309 -20.75 5.45 -2.21
C LYS A 309 -21.53 5.98 -1.02
N VAL A 310 -21.53 7.29 -0.84
CA VAL A 310 -22.22 7.94 0.25
C VAL A 310 -23.04 9.10 -0.31
N SER A 311 -24.08 9.49 0.44
CA SER A 311 -24.95 10.57 0.00
C SER A 311 -24.21 11.90 -0.01
N ASP A 312 -23.44 12.17 1.03
CA ASP A 312 -22.76 13.45 1.21
C ASP A 312 -21.35 13.21 1.72
N PRO A 313 -20.46 14.18 1.53
CA PRO A 313 -19.08 14.01 2.04
C PRO A 313 -18.97 13.94 3.54
N SER A 314 -19.96 14.44 4.29
CA SER A 314 -19.92 14.46 5.74
C SER A 314 -20.50 13.20 6.37
N TYR A 315 -20.65 12.12 5.61
CA TYR A 315 -21.25 10.92 6.15
C TYR A 315 -20.37 10.26 7.20
N PHE A 316 -19.08 10.10 6.90
CA PHE A 316 -18.21 9.34 7.79
C PHE A 316 -17.81 10.12 9.03
N ASN A 317 -17.98 11.45 9.03
CA ASN A 317 -17.72 12.23 10.23
C ASN A 317 -18.88 12.16 11.21
N ASP A 318 -20.03 11.67 10.78
CA ASP A 318 -21.23 11.63 11.61
C ASP A 318 -21.60 10.24 12.09
N PHE A 319 -21.23 9.19 11.35
CA PHE A 319 -21.67 7.84 11.65
C PHE A 319 -20.47 6.92 11.86
N ASP A 320 -20.77 5.68 12.21
CA ASP A 320 -19.74 4.72 12.57
C ASP A 320 -18.87 4.37 11.36
N ASN A 321 -17.64 3.97 11.65
CA ASN A 321 -16.63 3.70 10.63
C ASN A 321 -16.33 2.20 10.64
N LYS A 322 -17.10 1.44 9.87
CA LYS A 322 -16.86 0.01 9.70
C LYS A 322 -16.14 -0.28 8.39
N TYR A 323 -16.73 0.13 7.27
CA TYR A 323 -16.10 0.01 5.96
C TYR A 323 -15.55 1.34 5.46
N GLY A 324 -15.80 2.43 6.19
CA GLY A 324 -15.17 3.70 5.91
C GLY A 324 -14.52 4.25 7.16
N SER A 325 -14.09 5.51 7.06
CA SER A 325 -13.47 6.16 8.20
C SER A 325 -13.54 7.66 8.02
N SER A 326 -13.45 8.39 9.13
CA SER A 326 -13.40 9.84 9.07
C SER A 326 -12.08 10.35 8.52
N THR A 327 -11.03 9.52 8.55
CA THR A 327 -9.74 9.91 7.99
C THR A 327 -9.70 9.77 6.48
N ASP A 328 -10.66 9.08 5.88
CA ASP A 328 -10.69 8.94 4.43
C ASP A 328 -11.00 10.28 3.77
N GLY A 329 -10.26 10.58 2.71
CA GLY A 329 -10.52 11.78 1.94
C GLY A 329 -11.40 11.59 0.74
N TYR A 330 -11.64 10.34 0.33
CA TYR A 330 -12.47 10.05 -0.83
C TYR A 330 -12.95 8.62 -0.75
N ALA A 331 -13.98 8.32 -1.54
CA ALA A 331 -14.56 6.99 -1.64
C ALA A 331 -14.20 6.39 -2.99
N THR A 332 -13.77 5.14 -2.98
CA THR A 332 -13.30 4.45 -4.18
C THR A 332 -14.37 3.52 -4.72
N GLN A 333 -14.51 3.48 -6.05
CA GLN A 333 -15.48 2.63 -6.72
C GLN A 333 -14.75 1.96 -7.88
N LYS A 334 -14.28 0.73 -7.65
CA LYS A 334 -13.45 0.01 -8.61
C LYS A 334 -14.07 -1.33 -8.94
N PHE A 335 -14.14 -1.63 -10.23
CA PHE A 335 -14.48 -2.95 -10.73
C PHE A 335 -13.33 -3.47 -11.57
N SER A 336 -13.09 -4.78 -11.54
CA SER A 336 -12.00 -5.34 -12.33
C SER A 336 -12.28 -6.80 -12.64
N VAL A 337 -12.16 -7.15 -13.92
CA VAL A 337 -12.27 -8.52 -14.39
C VAL A 337 -11.00 -8.84 -15.17
N GLY A 338 -10.33 -9.91 -14.78
CA GLY A 338 -9.05 -10.26 -15.37
C GLY A 338 -8.97 -11.73 -15.73
N TYR A 339 -8.18 -12.00 -16.76
CA TYR A 339 -7.86 -13.35 -17.20
C TYR A 339 -6.35 -13.52 -17.14
N ALA A 340 -5.89 -14.44 -16.29
CA ALA A 340 -4.47 -14.60 -16.03
C ALA A 340 -4.05 -16.05 -16.23
N VAL A 341 -3.03 -16.25 -17.06
CA VAL A 341 -2.35 -17.52 -17.21
C VAL A 341 -0.86 -17.27 -17.04
N GLN A 342 -0.08 -18.36 -17.08
CA GLN A 342 1.29 -18.38 -16.57
C GLN A 342 2.20 -17.39 -17.30
N ASN A 343 1.89 -17.08 -18.56
N ASN A 343 1.89 -17.08 -18.56
CA ASN A 343 2.66 -16.12 -19.34
CA ASN A 343 2.65 -16.13 -19.35
C ASN A 343 1.75 -15.10 -20.01
C ASN A 343 1.75 -15.11 -20.02
N PHE A 344 0.67 -14.73 -19.34
CA PHE A 344 -0.27 -13.78 -19.96
C PHE A 344 -1.22 -13.24 -18.91
N ASN A 345 -1.61 -11.98 -19.06
CA ASN A 345 -2.69 -11.48 -18.22
C ASN A 345 -3.34 -10.27 -18.88
N ALA A 346 -4.67 -10.29 -18.94
CA ALA A 346 -5.44 -9.19 -19.52
C ALA A 346 -6.53 -8.80 -18.52
N THR A 347 -6.52 -7.55 -18.10
CA THR A 347 -7.43 -7.06 -17.07
C THR A 347 -8.16 -5.82 -17.59
N VAL A 348 -9.48 -5.82 -17.45
CA VAL A 348 -10.30 -4.65 -17.77
C VAL A 348 -10.94 -4.18 -16.46
N SER A 349 -10.73 -2.89 -16.14
CA SER A 349 -11.18 -2.36 -14.87
C SER A 349 -11.68 -0.94 -15.04
N THR A 350 -12.56 -0.54 -14.14
CA THR A 350 -13.10 0.81 -14.07
C THR A 350 -12.85 1.37 -12.69
N LYS A 351 -12.35 2.60 -12.62
CA LYS A 351 -12.03 3.26 -11.37
C LYS A 351 -12.71 4.63 -11.33
N GLN A 352 -13.48 4.86 -10.28
CA GLN A 352 -14.11 6.16 -10.04
C GLN A 352 -13.88 6.55 -8.60
N PHE A 353 -13.83 7.86 -8.35
CA PHE A 353 -13.55 8.36 -7.02
C PHE A 353 -14.49 9.50 -6.69
N GLN A 354 -15.09 9.44 -5.50
CA GLN A 354 -15.96 10.50 -4.99
C GLN A 354 -15.18 11.27 -3.93
N VAL A 355 -14.87 12.52 -4.22
CA VAL A 355 -14.03 13.33 -3.34
C VAL A 355 -14.91 14.04 -2.33
N PHE A 356 -14.51 13.98 -1.06
CA PHE A 356 -15.29 14.54 0.04
C PHE A 356 -14.94 16.00 0.30
N SER A 357 -13.69 16.38 0.13
CA SER A 357 -13.25 17.75 0.44
C SER A 357 -13.90 18.74 -0.52
N GLU A 358 -14.46 19.81 0.02
CA GLU A 358 -15.10 20.84 -0.79
C GLU A 358 -14.14 21.96 -1.15
N GLN A 359 -12.98 21.57 -1.69
CA GLN A 359 -12.02 22.50 -2.26
C GLN A 359 -12.06 22.46 -3.79
N ASN A 360 -11.96 21.26 -4.37
CA ASN A 360 -12.13 21.08 -5.80
C ASN A 360 -12.67 19.66 -6.01
N THR A 361 -13.94 19.56 -6.40
CA THR A 361 -14.57 18.27 -6.60
C THR A 361 -14.21 17.64 -7.94
N SER A 362 -13.47 18.35 -8.79
CA SER A 362 -13.05 17.80 -10.07
C SER A 362 -12.12 16.61 -9.86
N SER A 363 -12.38 15.53 -10.57
CA SER A 363 -11.56 14.33 -10.47
C SER A 363 -11.62 13.59 -11.79
N TYR A 364 -10.64 12.70 -12.00
CA TYR A 364 -10.53 11.94 -13.22
C TYR A 364 -10.79 10.46 -12.94
N SER A 365 -11.39 9.79 -13.92
CA SER A 365 -11.72 8.38 -13.80
C SER A 365 -11.35 7.67 -15.09
N ALA A 366 -10.85 6.44 -14.97
CA ALA A 366 -10.58 5.59 -16.11
C ALA A 366 -11.82 4.75 -16.39
N GLU A 367 -12.37 4.88 -17.59
CA GLU A 367 -13.64 4.23 -17.92
C GLU A 367 -13.66 3.87 -19.39
N PRO A 368 -13.15 2.69 -19.75
CA PRO A 368 -12.47 1.72 -18.90
C PRO A 368 -10.97 1.70 -19.15
N GLN A 369 -10.23 0.93 -18.36
CA GLN A 369 -8.79 0.77 -18.51
C GLN A 369 -8.48 -0.70 -18.74
N LEU A 370 -7.77 -1.00 -19.82
CA LEU A 370 -7.40 -2.35 -20.20
C LEU A 370 -5.89 -2.49 -20.17
N ASP A 371 -5.38 -3.42 -19.37
CA ASP A 371 -3.96 -3.71 -19.25
C ASP A 371 -3.69 -5.12 -19.74
N VAL A 372 -2.66 -5.26 -20.58
CA VAL A 372 -2.27 -6.56 -21.12
C VAL A 372 -0.77 -6.75 -20.89
N ASN A 373 -0.40 -7.90 -20.34
CA ASN A 373 0.99 -8.23 -20.09
C ASN A 373 1.30 -9.58 -20.71
N TYR A 374 2.40 -9.66 -21.45
CA TYR A 374 2.85 -10.90 -22.08
C TYR A 374 4.33 -11.08 -21.79
N TYR A 375 4.74 -12.34 -21.57
CA TYR A 375 6.12 -12.65 -21.21
C TYR A 375 6.64 -13.79 -22.09
N GLN A 376 7.96 -13.84 -22.24
CA GLN A 376 8.62 -14.96 -22.91
C GLN A 376 10.06 -14.98 -22.45
N ASN A 377 10.46 -16.08 -21.79
CA ASN A 377 11.74 -16.14 -21.10
C ASN A 377 12.71 -17.13 -21.74
N ASP A 378 12.51 -17.49 -23.00
CA ASP A 378 13.40 -18.44 -23.67
C ASP A 378 13.87 -17.90 -25.02
N VAL A 379 13.95 -16.58 -25.16
CA VAL A 379 14.39 -15.97 -26.43
C VAL A 379 15.90 -15.87 -26.34
N GLY A 380 16.57 -16.99 -26.65
CA GLY A 380 18.00 -17.09 -26.53
C GLY A 380 18.46 -16.89 -25.09
N PRO A 381 19.46 -16.03 -24.90
CA PRO A 381 19.88 -15.67 -23.54
C PRO A 381 19.03 -14.57 -22.93
N PHE A 382 18.21 -13.87 -23.71
CA PHE A 382 17.45 -12.74 -23.22
C PHE A 382 16.08 -13.17 -22.72
N ASP A 383 15.49 -12.33 -21.88
CA ASP A 383 14.13 -12.48 -21.42
C ASP A 383 13.33 -11.26 -21.87
N THR A 384 12.22 -11.49 -22.55
CA THR A 384 11.45 -10.43 -23.17
C THR A 384 10.05 -10.37 -22.60
N ARG A 385 9.48 -9.16 -22.60
CA ARG A 385 8.10 -8.99 -22.20
C ARG A 385 7.52 -7.77 -22.91
N ILE A 386 6.20 -7.73 -22.96
CA ILE A 386 5.48 -6.62 -23.61
C ILE A 386 4.31 -6.22 -22.73
N TYR A 387 4.12 -4.91 -22.58
CA TYR A 387 3.03 -4.35 -21.80
C TYR A 387 2.22 -3.41 -22.69
N GLY A 388 0.90 -3.48 -22.56
CA GLY A 388 0.02 -2.63 -23.34
C GLY A 388 -1.13 -2.14 -22.49
N GLN A 389 -1.63 -0.97 -22.84
CA GLN A 389 -2.71 -0.37 -22.06
C GLN A 389 -3.56 0.52 -22.95
N ALA A 390 -4.87 0.50 -22.69
CA ALA A 390 -5.83 1.38 -23.36
C ALA A 390 -6.74 1.95 -22.30
N VAL A 391 -6.68 3.26 -22.12
CA VAL A 391 -7.38 3.91 -21.01
C VAL A 391 -8.18 5.10 -21.54
N HIS A 392 -9.33 5.34 -20.91
CA HIS A 392 -10.18 6.48 -21.22
C HIS A 392 -10.34 7.32 -19.95
N PHE A 393 -9.87 8.56 -20.01
CA PHE A 393 -9.90 9.47 -18.88
C PHE A 393 -11.06 10.43 -19.03
N VAL A 394 -11.98 10.41 -18.06
CA VAL A 394 -13.16 11.26 -18.05
C VAL A 394 -13.19 12.03 -16.75
N ASN A 395 -13.49 13.32 -16.82
CA ASN A 395 -13.59 14.17 -15.64
C ASN A 395 -15.04 14.42 -15.28
N THR A 396 -15.28 14.61 -13.98
CA THR A 396 -16.65 14.86 -13.51
C THR A 396 -17.18 16.18 -14.05
N ARG A 397 -16.36 17.23 -14.03
CA ARG A 397 -16.77 18.49 -14.60
C ARG A 397 -16.83 18.41 -16.13
N ASP A 398 -17.73 19.19 -16.71
CA ASP A 398 -17.95 19.16 -18.15
C ASP A 398 -17.03 20.09 -18.92
N ASP A 399 -16.17 20.84 -18.24
CA ASP A 399 -15.22 21.74 -18.91
C ASP A 399 -13.80 21.20 -18.88
N MET A 400 -13.52 20.15 -18.13
CA MET A 400 -12.18 19.60 -18.07
C MET A 400 -11.91 18.72 -19.28
N PRO A 401 -10.63 18.58 -19.65
CA PRO A 401 -10.30 17.76 -20.82
C PRO A 401 -10.59 16.28 -20.59
N GLU A 402 -10.94 15.60 -21.67
CA GLU A 402 -11.12 14.15 -21.69
C GLU A 402 -10.07 13.56 -22.62
N ALA A 403 -9.64 12.33 -22.32
CA ALA A 403 -8.50 11.76 -23.04
C ALA A 403 -8.72 10.29 -23.32
N THR A 404 -8.02 9.82 -24.35
CA THR A 404 -7.91 8.40 -24.67
C THR A 404 -6.43 8.10 -24.92
N ARG A 405 -5.85 7.23 -24.12
CA ARG A 405 -4.44 6.92 -24.16
C ARG A 405 -4.22 5.47 -24.55
N VAL A 406 -3.32 5.24 -25.49
CA VAL A 406 -2.92 3.91 -25.91
C VAL A 406 -1.41 3.79 -25.76
N HIS A 407 -0.96 2.84 -24.95
CA HIS A 407 0.44 2.73 -24.57
C HIS A 407 0.95 1.33 -24.87
N LEU A 408 2.16 1.27 -25.43
CA LEU A 408 2.87 0.03 -25.68
C LEU A 408 4.28 0.14 -25.14
N GLU A 409 4.77 -0.97 -24.58
CA GLU A 409 6.10 -0.95 -23.92
C GLU A 409 6.78 -2.32 -24.06
N PRO A 410 7.55 -2.58 -25.14
CA PRO A 410 8.33 -3.82 -25.22
C PRO A 410 9.67 -3.68 -24.52
N THR A 411 10.00 -4.62 -23.63
CA THR A 411 11.24 -4.60 -22.88
C THR A 411 11.97 -5.91 -23.07
N ILE A 412 13.30 -5.84 -23.15
CA ILE A 412 14.15 -7.01 -23.26
C ILE A 412 15.32 -6.85 -22.29
N ASN A 413 15.55 -7.86 -21.47
CA ASN A 413 16.59 -7.80 -20.45
C ASN A 413 17.43 -9.05 -20.46
N LEU A 414 18.74 -8.86 -20.32
CA LEU A 414 19.69 -9.95 -20.20
C LEU A 414 20.18 -10.02 -18.76
N PRO A 415 19.83 -11.07 -18.01
CA PRO A 415 20.37 -11.23 -16.65
C PRO A 415 21.59 -12.14 -16.62
N LEU A 416 22.48 -11.91 -15.67
CA LEU A 416 23.64 -12.76 -15.44
C LEU A 416 23.88 -12.85 -13.94
N SER A 417 24.21 -14.04 -13.46
CA SER A 417 24.31 -14.26 -12.02
C SER A 417 25.50 -15.16 -11.70
N ASN A 418 26.01 -15.00 -10.49
CA ASN A 418 27.05 -15.83 -9.92
C ASN A 418 26.67 -16.18 -8.49
N ASN A 419 27.58 -16.85 -7.78
CA ASN A 419 27.37 -17.11 -6.37
C ASN A 419 27.61 -15.87 -5.51
N TRP A 420 28.24 -14.83 -6.06
CA TRP A 420 28.59 -13.65 -5.29
C TRP A 420 28.18 -12.34 -5.94
N GLY A 421 27.65 -12.36 -7.15
CA GLY A 421 27.30 -11.13 -7.84
C GLY A 421 26.21 -11.36 -8.86
N SER A 422 25.63 -10.25 -9.31
CA SER A 422 24.57 -10.28 -10.30
C SER A 422 24.59 -9.00 -11.11
N ILE A 423 24.21 -9.09 -12.38
CA ILE A 423 24.13 -7.93 -13.25
C ILE A 423 23.04 -8.16 -14.28
N ASN A 424 22.12 -7.21 -14.38
CA ASN A 424 20.99 -7.30 -15.30
C ASN A 424 20.95 -6.06 -16.16
N THR A 425 20.99 -6.24 -17.48
CA THR A 425 20.84 -5.15 -18.42
C THR A 425 19.43 -5.17 -19.01
N GLU A 426 18.87 -3.99 -19.27
CA GLU A 426 17.51 -3.93 -19.76
C GLU A 426 17.34 -2.76 -20.70
N ALA A 427 16.73 -3.01 -21.86
CA ALA A 427 16.39 -1.98 -22.82
C ALA A 427 14.90 -2.06 -23.10
N LYS A 428 14.23 -0.91 -22.98
CA LYS A 428 12.77 -0.84 -23.16
C LYS A 428 12.41 0.31 -24.08
N PHE A 429 11.29 0.22 -24.81
CA PHE A 429 10.82 1.36 -25.62
C PHE A 429 9.43 1.71 -25.13
N LEU A 430 9.09 3.01 -25.14
CA LEU A 430 7.78 3.44 -24.61
C LEU A 430 7.05 4.24 -25.69
N ALA A 431 5.96 3.70 -26.22
CA ALA A 431 5.18 4.40 -27.25
C ALA A 431 3.81 4.76 -26.68
N THR A 432 3.44 6.04 -26.73
CA THR A 432 2.15 6.48 -26.14
C THR A 432 1.43 7.39 -27.11
N HIS A 433 0.15 7.14 -27.36
CA HIS A 433 -0.68 7.96 -28.21
C HIS A 433 -1.83 8.54 -27.40
N TYR A 434 -1.99 9.85 -27.45
CA TYR A 434 -3.00 10.59 -26.71
C TYR A 434 -3.97 11.25 -27.68
N GLN A 435 -5.26 11.04 -27.45
CA GLN A 435 -6.33 11.78 -28.13
C GLN A 435 -7.05 12.60 -27.06
N GLN A 436 -6.99 13.92 -27.18
CA GLN A 436 -7.54 14.81 -26.17
C GLN A 436 -8.65 15.66 -26.76
N THR A 437 -9.78 15.73 -26.05
CA THR A 437 -10.95 16.49 -26.47
C THR A 437 -11.46 17.31 -25.30
N ASN A 438 -12.37 18.24 -25.61
CA ASN A 438 -12.94 19.14 -24.61
C ASN A 438 -11.85 19.99 -23.95
N LEU A 439 -10.89 20.42 -24.76
CA LEU A 439 -9.74 21.17 -24.28
C LEU A 439 -9.81 22.65 -24.63
N ASP A 440 -10.98 23.14 -25.02
CA ASP A 440 -11.13 24.56 -25.36
C ASP A 440 -10.99 25.44 -24.12
N TRP A 441 -11.62 25.02 -23.02
CA TRP A 441 -11.62 25.82 -21.79
C TRP A 441 -10.22 25.95 -21.21
N TYR A 442 -9.48 24.84 -21.17
CA TYR A 442 -8.12 24.85 -20.62
C TYR A 442 -7.21 25.72 -21.48
N ASN A 443 -7.33 25.59 -22.81
CA ASN A 443 -6.50 26.37 -23.71
C ASN A 443 -6.85 27.85 -23.65
N SER A 444 -8.10 28.16 -23.31
CA SER A 444 -8.53 29.56 -23.30
C SER A 444 -7.85 30.37 -22.21
N ARG A 445 -7.38 29.72 -21.14
CA ARG A 445 -6.83 30.43 -19.99
C ARG A 445 -5.36 30.18 -19.76
N ASN A 446 -4.76 29.20 -20.43
CA ASN A 446 -3.37 28.83 -20.19
C ASN A 446 -2.55 29.07 -21.44
N THR A 447 -1.34 29.61 -21.26
CA THR A 447 -0.45 29.83 -22.39
C THR A 447 -0.03 28.50 -23.02
N THR A 448 0.28 27.51 -22.20
CA THR A 448 0.64 26.19 -22.71
C THR A 448 -0.59 25.51 -23.29
N LYS A 449 -0.54 25.20 -24.58
CA LYS A 449 -1.69 24.67 -25.30
C LYS A 449 -1.61 23.15 -25.38
N LEU A 450 -2.69 22.49 -25.00
CA LEU A 450 -2.81 21.05 -25.17
C LEU A 450 -3.13 20.71 -26.63
N ASP A 451 -2.60 19.60 -27.10
CA ASP A 451 -2.83 19.13 -28.46
C ASP A 451 -3.83 17.99 -28.46
N GLU A 452 -4.58 17.89 -29.56
CA GLU A 452 -5.55 16.81 -29.71
C GLU A 452 -4.84 15.46 -29.84
N SER A 453 -3.96 15.35 -30.81
CA SER A 453 -3.23 14.11 -31.07
C SER A 453 -1.77 14.31 -30.65
N VAL A 454 -1.30 13.45 -29.75
CA VAL A 454 0.05 13.54 -29.21
C VAL A 454 0.70 12.17 -29.30
N ASN A 455 1.94 12.13 -29.79
CA ASN A 455 2.71 10.90 -29.89
C ASN A 455 4.00 11.07 -29.09
N ARG A 456 4.23 10.16 -28.13
CA ARG A 456 5.43 10.20 -27.29
C ARG A 456 6.15 8.87 -27.43
N VAL A 457 7.32 8.89 -28.06
CA VAL A 457 8.14 7.70 -28.26
C VAL A 457 9.48 7.94 -27.59
N MET A 458 9.89 6.99 -26.74
CA MET A 458 11.12 7.16 -25.99
C MET A 458 11.75 5.83 -25.59
N PRO A 459 13.07 5.71 -25.66
CA PRO A 459 13.73 4.52 -25.16
C PRO A 459 14.17 4.68 -23.71
N GLN A 460 14.55 3.56 -23.11
CA GLN A 460 15.06 3.56 -21.75
C GLN A 460 16.08 2.44 -21.59
N PHE A 461 17.22 2.76 -20.97
CA PHE A 461 18.30 1.80 -20.76
C PHE A 461 18.65 1.79 -19.28
N LYS A 462 18.56 0.60 -18.67
CA LYS A 462 18.83 0.46 -17.24
C LYS A 462 19.74 -0.73 -17.01
N VAL A 463 20.84 -0.50 -16.28
CA VAL A 463 21.79 -1.56 -15.96
C VAL A 463 21.95 -1.62 -14.44
N ASP A 464 21.66 -2.77 -13.86
CA ASP A 464 21.71 -2.97 -12.41
C ASP A 464 22.76 -4.00 -12.08
N GLY A 465 23.39 -3.83 -10.92
CA GLY A 465 24.40 -4.77 -10.46
C GLY A 465 24.42 -4.85 -8.95
N LYS A 466 24.68 -6.05 -8.45
CA LYS A 466 24.75 -6.29 -7.01
C LYS A 466 25.94 -7.18 -6.70
N MET A 467 26.54 -6.95 -5.53
CA MET A 467 27.63 -7.76 -5.02
C MET A 467 27.30 -8.20 -3.60
N VAL A 468 27.85 -9.35 -3.20
CA VAL A 468 27.63 -9.89 -1.86
C VAL A 468 28.97 -10.29 -1.28
N PHE A 469 29.28 -9.79 -0.09
CA PHE A 469 30.47 -10.17 0.67
C PHE A 469 30.03 -10.73 2.01
N GLU A 470 30.76 -11.71 2.51
CA GLU A 470 30.43 -12.34 3.79
C GLU A 470 31.65 -12.42 4.67
N ARG A 471 31.43 -12.32 5.98
CA ARG A 471 32.50 -12.47 6.96
C ARG A 471 31.92 -13.08 8.22
N ASP A 472 32.78 -13.76 8.98
CA ASP A 472 32.40 -14.34 10.26
C ASP A 472 32.77 -13.35 11.36
N MET A 473 31.76 -12.70 11.94
CA MET A 473 31.99 -11.63 12.91
C MET A 473 32.26 -12.26 14.28
N GLU A 474 33.48 -12.78 14.43
CA GLU A 474 33.86 -13.45 15.67
C GLU A 474 34.08 -12.45 16.80
N MET A 475 34.35 -11.19 16.47
CA MET A 475 34.56 -10.19 17.51
C MET A 475 33.27 -9.92 18.29
N LEU A 476 32.13 -9.93 17.59
CA LEU A 476 30.87 -9.62 18.27
C LEU A 476 30.23 -10.89 18.84
N ALA A 477 30.23 -11.98 18.08
CA ALA A 477 29.60 -13.20 18.53
C ALA A 477 30.14 -14.41 17.78
N PRO A 478 30.41 -15.51 18.47
CA PRO A 478 30.94 -16.70 17.78
C PRO A 478 29.89 -17.34 16.88
N GLY A 479 30.24 -17.49 15.61
CA GLY A 479 29.36 -18.11 14.64
C GLY A 479 28.43 -17.17 13.92
N TYR A 480 28.37 -15.90 14.31
CA TYR A 480 27.51 -14.94 13.64
C TYR A 480 28.13 -14.48 12.32
N THR A 481 27.28 -14.29 11.32
CA THR A 481 27.72 -13.93 9.99
C THR A 481 27.25 -12.52 9.64
N GLN A 482 28.10 -11.78 8.92
CA GLN A 482 27.76 -10.45 8.44
C GLN A 482 27.96 -10.40 6.94
N THR A 483 26.95 -9.90 6.23
CA THR A 483 26.98 -9.78 4.78
C THR A 483 26.89 -8.31 4.41
N LEU A 484 27.82 -7.85 3.59
CA LEU A 484 27.84 -6.51 3.03
C LEU A 484 27.51 -6.61 1.55
N GLU A 485 26.37 -6.05 1.14
CA GLU A 485 25.89 -6.15 -0.23
C GLU A 485 25.83 -4.75 -0.84
N PRO A 486 26.79 -4.38 -1.68
CA PRO A 486 26.67 -3.15 -2.44
C PRO A 486 25.82 -3.36 -3.69
N ARG A 487 25.20 -2.28 -4.13
CA ARG A 487 24.28 -2.33 -5.27
C ARG A 487 24.37 -1.02 -6.02
N ALA A 488 24.44 -1.12 -7.34
CA ALA A 488 24.53 0.06 -8.20
C ALA A 488 23.56 -0.09 -9.37
N GLN A 489 23.14 1.04 -9.91
CA GLN A 489 22.24 1.02 -11.06
C GLN A 489 22.44 2.30 -11.86
N TYR A 490 22.46 2.17 -13.17
CA TYR A 490 22.52 3.30 -14.08
C TYR A 490 21.24 3.34 -14.90
N LEU A 491 20.59 4.50 -14.94
CA LEU A 491 19.35 4.69 -15.66
C LEU A 491 19.49 5.85 -16.63
N TYR A 492 19.09 5.61 -17.89
CA TYR A 492 19.11 6.64 -18.92
C TYR A 492 17.81 6.61 -19.71
N VAL A 493 17.09 7.72 -19.69
CA VAL A 493 15.88 7.93 -20.46
C VAL A 493 15.96 9.34 -21.05
N PRO A 494 15.90 9.50 -22.37
CA PRO A 494 16.05 10.82 -22.96
C PRO A 494 14.86 11.72 -22.67
N TYR A 495 15.12 13.02 -22.77
CA TYR A 495 14.09 14.03 -22.53
C TYR A 495 13.00 13.94 -23.59
N ARG A 496 11.78 14.26 -23.20
CA ARG A 496 10.67 14.42 -24.14
C ARG A 496 9.74 15.49 -23.61
N ASP A 497 9.48 16.51 -24.42
CA ASP A 497 8.63 17.63 -23.98
C ASP A 497 7.21 17.14 -23.83
N GLN A 498 6.76 16.97 -22.59
CA GLN A 498 5.41 16.53 -22.28
C GLN A 498 4.55 17.65 -21.73
N SER A 499 4.85 18.90 -22.12
CA SER A 499 4.11 20.04 -21.63
C SER A 499 2.72 20.16 -22.26
N ASP A 500 2.51 19.55 -23.42
CA ASP A 500 1.23 19.62 -24.11
C ASP A 500 0.33 18.44 -23.80
N ILE A 501 0.69 17.63 -22.82
CA ILE A 501 -0.12 16.51 -22.35
C ILE A 501 -0.60 16.83 -20.94
N TYR A 502 -1.91 16.84 -20.74
CA TYR A 502 -2.45 17.06 -19.41
C TYR A 502 -2.08 15.90 -18.50
N ASN A 503 -1.86 16.19 -17.23
CA ASN A 503 -1.53 15.17 -16.24
C ASN A 503 -2.81 14.59 -15.67
N TYR A 504 -3.08 13.33 -15.99
CA TYR A 504 -4.28 12.65 -15.53
C TYR A 504 -4.03 11.74 -14.34
N ASP A 505 -3.03 10.86 -14.43
CA ASP A 505 -2.78 9.90 -13.37
C ASP A 505 -1.29 9.76 -13.06
N SER A 506 -0.52 10.83 -13.20
CA SER A 506 0.90 10.82 -12.89
C SER A 506 1.13 11.67 -11.65
N SER A 507 1.72 11.06 -10.62
CA SER A 507 2.01 11.73 -9.36
C SER A 507 3.42 11.38 -8.91
N LEU A 508 4.01 12.27 -8.11
CA LEU A 508 5.34 12.04 -7.60
C LEU A 508 5.35 10.87 -6.62
N LEU A 509 6.38 10.04 -6.70
CA LEU A 509 6.49 8.85 -5.88
C LEU A 509 7.47 9.07 -4.73
N GLN A 510 7.16 8.48 -3.58
CA GLN A 510 8.09 8.50 -2.45
C GLN A 510 9.36 7.73 -2.79
N SER A 511 10.47 8.19 -2.24
CA SER A 511 11.78 7.61 -2.50
C SER A 511 12.37 7.12 -1.18
N ASP A 512 12.02 5.90 -0.79
CA ASP A 512 12.66 5.22 0.32
C ASP A 512 13.91 4.52 -0.21
N TYR A 513 14.51 3.65 0.59
CA TYR A 513 15.67 2.91 0.10
C TYR A 513 15.28 1.97 -1.04
N SER A 514 14.13 1.29 -0.91
CA SER A 514 13.67 0.43 -1.99
C SER A 514 13.30 1.24 -3.22
N GLY A 515 12.74 2.44 -3.02
CA GLY A 515 12.34 3.27 -4.14
C GLY A 515 13.48 4.00 -4.82
N LEU A 516 14.69 3.96 -4.25
CA LEU A 516 15.83 4.60 -4.88
C LEU A 516 16.17 3.94 -6.21
N PHE A 517 15.98 2.62 -6.30
CA PHE A 517 16.30 1.87 -7.50
C PHE A 517 15.12 1.73 -8.46
N ARG A 518 14.01 2.41 -8.16
CA ARG A 518 12.88 2.44 -9.08
C ARG A 518 13.26 3.16 -10.37
N ASP A 519 12.69 2.70 -11.48
CA ASP A 519 12.99 3.26 -12.79
C ASP A 519 12.03 4.38 -13.19
N ARG A 520 11.07 4.73 -12.34
CA ARG A 520 10.09 5.76 -12.65
C ARG A 520 10.06 6.80 -11.54
N THR A 521 9.89 8.06 -11.92
CA THR A 521 9.72 9.14 -10.95
C THR A 521 8.27 9.40 -10.62
N TYR A 522 7.36 9.14 -11.56
CA TYR A 522 5.94 9.35 -11.37
C TYR A 522 5.19 8.07 -11.67
N GLY A 523 4.07 7.89 -10.98
CA GLY A 523 3.15 6.81 -11.32
C GLY A 523 2.41 7.11 -12.60
N GLY A 524 1.75 6.09 -13.13
CA GLY A 524 1.03 6.30 -14.37
C GLY A 524 1.98 6.47 -15.54
N LEU A 525 1.46 7.10 -16.60
CA LEU A 525 2.22 7.27 -17.84
C LEU A 525 2.08 8.67 -18.42
N ASP A 526 1.39 9.59 -17.75
CA ASP A 526 1.26 10.94 -18.29
C ASP A 526 2.59 11.70 -18.24
N ARG A 527 3.32 11.58 -17.13
CA ARG A 527 4.60 12.24 -16.96
C ARG A 527 5.67 11.18 -16.86
N ILE A 528 6.68 11.27 -17.72
CA ILE A 528 7.84 10.37 -17.69
C ILE A 528 9.07 11.27 -17.72
N ALA A 529 9.67 11.50 -16.56
CA ALA A 529 10.80 12.39 -16.46
C ALA A 529 12.03 11.79 -17.13
N SER A 530 12.79 12.65 -17.81
CA SER A 530 14.08 12.23 -18.33
C SER A 530 15.02 11.89 -17.17
N ALA A 531 16.00 11.03 -17.46
CA ALA A 531 16.89 10.59 -16.40
C ALA A 531 18.27 10.29 -16.99
N ASN A 532 19.31 10.77 -16.33
CA ASN A 532 20.68 10.32 -16.57
C ASN A 532 21.29 10.22 -15.18
N GLN A 533 21.14 9.06 -14.53
CA GLN A 533 21.42 8.99 -13.11
C GLN A 533 22.02 7.65 -12.74
N VAL A 534 22.69 7.64 -11.58
CA VAL A 534 23.25 6.43 -11.00
C VAL A 534 22.81 6.36 -9.54
N THR A 535 22.19 5.25 -9.18
CA THR A 535 21.80 4.99 -7.80
C THR A 535 22.80 4.03 -7.17
N THR A 536 23.28 4.37 -5.97
CA THR A 536 24.25 3.55 -5.26
C THR A 536 23.77 3.31 -3.84
N GLY A 537 23.68 2.05 -3.44
CA GLY A 537 23.26 1.70 -2.11
C GLY A 537 24.10 0.57 -1.54
N VAL A 538 23.97 0.37 -0.23
CA VAL A 538 24.68 -0.70 0.45
C VAL A 538 23.81 -1.19 1.59
N THR A 539 23.72 -2.52 1.72
CA THR A 539 22.92 -3.15 2.76
C THR A 539 23.79 -4.11 3.56
N SER A 540 23.79 -3.96 4.87
CA SER A 540 24.52 -4.85 5.77
C SER A 540 23.52 -5.66 6.57
N ARG A 541 23.69 -6.98 6.54
CA ARG A 541 22.84 -7.91 7.27
C ARG A 541 23.67 -8.72 8.25
N ILE A 542 23.07 -9.02 9.39
CA ILE A 542 23.71 -9.81 10.44
C ILE A 542 22.79 -10.98 10.76
N TYR A 543 23.30 -12.20 10.52
CA TYR A 543 22.64 -13.46 10.78
C TYR A 543 23.28 -14.13 11.99
N ASP A 544 22.45 -14.85 12.75
CA ASP A 544 22.92 -15.58 13.92
C ASP A 544 23.46 -16.95 13.49
N ASP A 545 23.68 -17.83 14.47
CA ASP A 545 24.26 -19.14 14.19
C ASP A 545 23.31 -20.00 13.37
N ALA A 546 22.00 -19.83 13.56
CA ALA A 546 21.01 -20.63 12.86
C ALA A 546 20.64 -20.08 11.49
N ALA A 547 21.45 -19.17 10.94
CA ALA A 547 21.21 -18.54 9.65
C ALA A 547 19.91 -17.73 9.63
N VAL A 548 19.49 -17.22 10.78
CA VAL A 548 18.28 -16.40 10.89
C VAL A 548 18.73 -14.95 10.95
N GLU A 549 18.20 -14.13 10.05
CA GLU A 549 18.59 -12.73 9.99
C GLU A 549 18.08 -11.99 11.21
N ARG A 550 19.01 -11.36 11.95
CA ARG A 550 18.67 -10.57 13.13
C ARG A 550 18.79 -9.08 12.92
N PHE A 551 19.68 -8.63 12.04
CA PHE A 551 19.87 -7.20 11.86
C PHE A 551 20.00 -6.89 10.38
N ASN A 552 19.45 -5.75 9.96
CA ASN A 552 19.80 -5.23 8.64
C ASN A 552 19.72 -3.71 8.63
N ILE A 553 20.62 -3.10 7.87
CA ILE A 553 20.69 -1.65 7.73
C ILE A 553 21.08 -1.32 6.29
N SER A 554 20.29 -0.48 5.63
CA SER A 554 20.51 -0.12 4.25
C SER A 554 20.60 1.38 4.11
N VAL A 555 21.56 1.84 3.31
CA VAL A 555 21.73 3.27 3.04
C VAL A 555 22.04 3.44 1.56
N GLY A 556 21.35 4.39 0.91
CA GLY A 556 21.54 4.59 -0.51
C GLY A 556 21.33 6.04 -0.90
N GLN A 557 21.75 6.36 -2.12
CA GLN A 557 21.67 7.71 -2.65
C GLN A 557 21.54 7.66 -4.16
N ILE A 558 21.09 8.77 -4.74
CA ILE A 558 20.94 8.92 -6.18
C ILE A 558 21.76 10.11 -6.62
N TYR A 559 22.58 9.92 -7.67
CA TYR A 559 23.39 10.97 -8.25
C TYR A 559 22.85 11.27 -9.64
N TYR A 560 22.49 12.53 -9.87
CA TYR A 560 21.93 12.99 -11.14
C TYR A 560 23.01 13.68 -11.95
N PHE A 561 23.32 13.13 -13.12
CA PHE A 561 24.26 13.78 -14.01
C PHE A 561 23.62 14.98 -14.73
N THR A 562 22.35 14.88 -15.07
CA THR A 562 21.61 15.97 -15.67
C THR A 562 20.24 16.07 -15.00
N GLU A 563 19.63 17.25 -15.14
CA GLU A 563 18.34 17.50 -14.51
C GLU A 563 17.25 16.61 -15.10
N SER A 564 16.36 16.14 -14.24
CA SER A 564 15.23 15.31 -14.67
C SER A 564 14.07 16.23 -15.03
N ARG A 565 13.78 16.33 -16.32
CA ARG A 565 12.75 17.22 -16.83
C ARG A 565 11.63 16.42 -17.46
N THR A 566 10.39 16.73 -17.09
CA THR A 566 9.22 16.18 -17.76
C THR A 566 8.62 17.14 -18.78
N GLY A 567 9.26 18.29 -18.99
CA GLY A 567 8.75 19.29 -19.90
C GLY A 567 7.86 20.29 -19.20
N ASP A 568 7.09 19.83 -18.22
CA ASP A 568 6.20 20.66 -17.41
C ASP A 568 6.64 20.49 -15.96
N ASP A 569 7.54 21.37 -15.52
CA ASP A 569 8.09 21.33 -14.17
C ASP A 569 7.46 22.45 -13.35
N ASN A 570 6.63 22.07 -12.39
CA ASN A 570 5.95 23.02 -11.53
C ASN A 570 6.22 22.80 -10.05
N ILE A 571 7.07 21.83 -9.69
CA ILE A 571 7.35 21.55 -8.29
C ILE A 571 8.14 22.71 -7.70
N THR A 572 7.77 23.12 -6.50
CA THR A 572 8.39 24.24 -5.81
C THR A 572 9.39 23.70 -4.79
N TRP A 573 10.65 23.64 -5.18
CA TRP A 573 11.71 23.21 -4.28
C TRP A 573 12.21 24.39 -3.45
N GLU A 574 12.95 24.08 -2.39
CA GLU A 574 13.52 25.11 -1.54
C GLU A 574 14.81 25.70 -2.08
N ASN A 575 15.40 25.08 -3.10
CA ASN A 575 16.60 25.61 -3.73
C ASN A 575 16.67 25.10 -5.16
N ASP A 576 17.64 25.63 -5.91
CA ASP A 576 17.79 25.34 -7.33
C ASP A 576 18.84 24.28 -7.62
N ASP A 577 19.00 23.30 -6.73
CA ASP A 577 19.91 22.20 -7.01
C ASP A 577 19.29 21.26 -8.04
N LYS A 578 20.06 20.91 -9.05
CA LYS A 578 19.55 20.08 -10.13
C LYS A 578 20.40 18.84 -10.40
N THR A 579 21.71 18.93 -10.24
CA THR A 579 22.60 17.81 -10.50
C THR A 579 23.48 17.55 -9.29
N GLY A 580 23.72 16.27 -9.01
CA GLY A 580 24.51 15.85 -7.88
C GLY A 580 23.73 14.90 -6.99
N SER A 581 24.34 14.57 -5.85
CA SER A 581 23.70 13.67 -4.90
C SER A 581 22.57 14.40 -4.19
N LEU A 582 21.35 14.25 -4.71
CA LEU A 582 20.20 14.99 -4.22
C LEU A 582 19.33 14.19 -3.27
N VAL A 583 19.17 12.89 -3.51
CA VAL A 583 18.26 12.05 -2.75
C VAL A 583 19.07 11.04 -1.96
N TRP A 584 18.87 11.00 -0.64
CA TRP A 584 19.46 10.01 0.24
C TRP A 584 18.34 9.30 1.00
N ALA A 585 18.50 8.00 1.21
CA ALA A 585 17.53 7.22 1.94
C ALA A 585 18.23 6.19 2.80
N GLY A 586 17.57 5.77 3.87
CA GLY A 586 18.12 4.76 4.75
C GLY A 586 17.03 4.08 5.54
N ASP A 587 17.33 2.85 5.94
CA ASP A 587 16.35 2.06 6.73
C ASP A 587 17.13 1.11 7.64
N THR A 588 16.49 0.63 8.69
CA THR A 588 17.09 -0.32 9.60
C THR A 588 16.00 -1.16 10.25
N TYR A 589 16.31 -2.43 10.49
CA TYR A 589 15.41 -3.34 11.19
C TYR A 589 16.25 -4.26 12.07
N TRP A 590 15.99 -4.22 13.37
CA TRP A 590 16.76 -4.96 14.35
C TRP A 590 15.80 -5.79 15.20
N ARG A 591 16.03 -7.11 15.25
CA ARG A 591 15.28 -8.00 16.12
C ARG A 591 16.15 -8.24 17.34
N ILE A 592 15.92 -7.43 18.38
CA ILE A 592 16.76 -7.48 19.58
C ILE A 592 16.60 -8.81 20.30
N SER A 593 15.39 -9.36 20.28
CA SER A 593 15.12 -10.66 20.87
C SER A 593 13.83 -11.19 20.25
N GLU A 594 13.29 -12.26 20.85
CA GLU A 594 12.03 -12.80 20.37
C GLU A 594 10.85 -11.91 20.70
N ARG A 595 11.01 -10.97 21.63
CA ARG A 595 9.95 -10.07 22.04
C ARG A 595 10.19 -8.61 21.65
N TRP A 596 11.45 -8.19 21.53
CA TRP A 596 11.78 -6.82 21.19
C TRP A 596 12.09 -6.71 19.70
N GLY A 597 11.55 -5.66 19.09
CA GLY A 597 11.83 -5.38 17.69
C GLY A 597 11.88 -3.88 17.47
N LEU A 598 12.67 -3.47 16.48
CA LEU A 598 12.84 -2.05 16.19
C LEU A 598 12.96 -1.84 14.69
N ARG A 599 12.26 -0.84 14.19
CA ARG A 599 12.29 -0.48 12.78
C ARG A 599 12.47 1.02 12.65
N GLY A 600 13.15 1.43 11.59
CA GLY A 600 13.36 2.85 11.35
C GLY A 600 13.63 3.12 9.89
N GLY A 601 13.29 4.33 9.46
CA GLY A 601 13.56 4.75 8.09
C GLY A 601 13.65 6.25 8.03
N ILE A 602 14.49 6.74 7.13
CA ILE A 602 14.72 8.18 6.98
C ILE A 602 14.93 8.47 5.50
N GLN A 603 14.42 9.61 5.06
CA GLN A 603 14.58 10.06 3.67
C GLN A 603 14.93 11.54 3.69
N TYR A 604 16.11 11.87 3.16
CA TYR A 604 16.62 13.23 3.12
C TYR A 604 16.74 13.68 1.67
N ASP A 605 16.30 14.90 1.40
CA ASP A 605 16.34 15.47 0.05
C ASP A 605 17.08 16.78 0.09
N THR A 606 18.09 16.92 -0.78
CA THR A 606 18.91 18.13 -0.78
C THR A 606 18.10 19.34 -1.26
N ARG A 607 17.18 19.12 -2.21
CA ARG A 607 16.39 20.23 -2.75
C ARG A 607 15.46 20.82 -1.71
N LEU A 608 15.00 20.01 -0.75
CA LEU A 608 14.19 20.53 0.34
C LEU A 608 15.00 21.21 1.43
N ASP A 609 16.31 20.98 1.46
CA ASP A 609 17.19 21.56 2.49
C ASP A 609 16.77 21.12 3.89
N ASN A 610 16.33 19.88 4.01
CA ASN A 610 15.82 19.33 5.26
C ASN A 610 15.56 17.85 5.06
N VAL A 611 15.33 17.15 6.16
CA VAL A 611 14.94 15.74 6.10
C VAL A 611 13.53 15.67 5.56
N ALA A 612 13.36 14.98 4.43
CA ALA A 612 12.04 14.91 3.79
C ALA A 612 11.03 14.18 4.65
N THR A 613 11.38 12.96 5.09
CA THR A 613 10.48 12.19 5.94
C THR A 613 11.29 11.29 6.86
N SER A 614 10.64 10.79 7.90
CA SER A 614 11.27 9.83 8.79
C SER A 614 10.19 9.11 9.58
N ASN A 615 10.50 7.88 9.98
CA ASN A 615 9.59 7.11 10.80
C ASN A 615 10.41 6.13 11.64
N SER A 616 9.88 5.79 12.81
CA SER A 616 10.55 4.89 13.72
C SER A 616 9.53 4.17 14.57
N SER A 617 9.91 3.02 15.10
CA SER A 617 9.03 2.27 15.97
C SER A 617 9.85 1.24 16.75
N ILE A 618 9.49 1.06 18.02
CA ILE A 618 10.06 0.03 18.87
C ILE A 618 8.92 -0.67 19.59
N GLU A 619 8.91 -2.00 19.51
CA GLU A 619 7.80 -2.79 20.04
C GLU A 619 8.31 -3.93 20.91
N TYR A 620 7.64 -4.15 22.03
CA TYR A 620 7.79 -5.32 22.86
C TYR A 620 6.49 -6.11 22.82
N ARG A 621 6.58 -7.43 22.69
CA ARG A 621 5.37 -8.24 22.52
C ARG A 621 5.65 -9.62 23.09
N ARG A 622 5.18 -9.86 24.33
CA ARG A 622 5.37 -11.18 24.92
C ARG A 622 4.43 -12.21 24.30
N ASP A 623 3.24 -11.74 23.97
CA ASP A 623 2.22 -12.63 23.35
C ASP A 623 1.19 -11.73 22.67
N GLU A 624 0.10 -12.32 22.19
CA GLU A 624 -0.92 -11.54 21.51
C GLU A 624 -1.49 -10.45 22.41
N ASP A 625 -1.64 -10.75 23.69
CA ASP A 625 -2.31 -9.84 24.62
C ASP A 625 -1.34 -8.87 25.29
N ARG A 626 -0.14 -9.32 25.63
CA ARG A 626 0.83 -8.51 26.38
C ARG A 626 1.77 -7.83 25.38
N LEU A 627 1.60 -6.52 25.20
CA LEU A 627 2.42 -5.81 24.23
C LEU A 627 2.46 -4.33 24.56
N VAL A 628 3.57 -3.71 24.16
CA VAL A 628 3.77 -2.26 24.23
C VAL A 628 4.45 -1.84 22.93
N GLN A 629 4.13 -0.64 22.46
CA GLN A 629 4.73 -0.15 21.23
C GLN A 629 4.81 1.38 21.25
N LEU A 630 5.93 1.90 20.76
CA LEU A 630 6.12 3.32 20.54
C LEU A 630 6.45 3.55 19.07
N ASN A 631 5.89 4.60 18.49
CA ASN A 631 6.16 4.92 17.10
C ASN A 631 6.20 6.43 16.91
N TYR A 632 6.92 6.86 15.88
CA TYR A 632 7.08 8.27 15.57
C TYR A 632 7.08 8.45 14.07
N HIS A 633 6.34 9.46 13.61
CA HIS A 633 6.25 9.80 12.19
C HIS A 633 6.54 11.28 12.02
N TYR A 634 7.38 11.60 11.02
CA TYR A 634 7.74 12.98 10.74
C TYR A 634 7.73 13.21 9.23
N ALA A 635 7.10 14.30 8.82
CA ALA A 635 7.13 14.79 7.44
C ALA A 635 7.28 16.30 7.51
N SER A 636 8.35 16.81 6.90
CA SER A 636 8.68 18.21 7.06
C SER A 636 7.67 19.09 6.33
N PRO A 637 7.54 20.36 6.75
CA PRO A 637 6.66 21.29 6.02
C PRO A 637 7.09 21.52 4.59
N GLU A 638 8.39 21.49 4.32
CA GLU A 638 8.89 21.67 2.95
C GLU A 638 8.44 20.53 2.05
N TYR A 639 8.43 19.30 2.57
CA TYR A 639 7.94 18.17 1.80
C TYR A 639 6.45 18.32 1.50
N ILE A 640 5.68 18.78 2.49
CA ILE A 640 4.24 19.00 2.30
C ILE A 640 4.01 20.06 1.24
N GLN A 641 4.78 21.14 1.26
CA GLN A 641 4.63 22.18 0.25
C GLN A 641 5.04 21.68 -1.13
N ALA A 642 6.09 20.85 -1.19
CA ALA A 642 6.61 20.42 -2.48
C ALA A 642 5.69 19.41 -3.15
N THR A 643 5.21 18.42 -2.41
CA THR A 643 4.50 17.29 -3.00
C THR A 643 3.00 17.31 -2.72
N LEU A 644 2.40 18.48 -2.61
CA LEU A 644 0.97 18.61 -2.32
C LEU A 644 0.47 19.91 -2.92
N PRO A 645 -0.86 20.10 -2.98
CA PRO A 645 -1.40 21.34 -3.55
C PRO A 645 -1.01 22.59 -2.79
N LYS A 646 -1.21 23.76 -3.42
CA LYS A 646 -0.76 25.02 -2.83
C LYS A 646 -1.55 25.35 -1.57
N TYR A 647 -2.86 25.05 -1.57
CA TYR A 647 -3.65 25.35 -0.39
C TYR A 647 -3.29 24.45 0.79
N TYR A 648 -2.66 23.30 0.54
CA TYR A 648 -2.05 22.54 1.63
C TYR A 648 -0.96 23.36 2.30
N SER A 649 -0.11 24.02 1.51
CA SER A 649 0.93 24.86 2.07
C SER A 649 0.34 26.08 2.77
N THR A 650 -0.75 26.61 2.25
CA THR A 650 -1.36 27.81 2.81
C THR A 650 -2.36 27.54 3.92
N ALA A 651 -2.70 26.28 4.18
CA ALA A 651 -3.69 25.95 5.19
C ALA A 651 -3.05 25.74 6.55
N GLU A 652 -3.76 26.15 7.60
CA GLU A 652 -3.24 26.00 8.96
C GLU A 652 -3.23 24.55 9.41
N GLN A 653 -4.15 23.73 8.91
CA GLN A 653 -4.21 22.33 9.28
C GLN A 653 -3.32 21.44 8.43
N TYR A 654 -2.59 22.00 7.50
CA TYR A 654 -1.73 21.24 6.61
C TYR A 654 -0.28 21.72 6.60
N LYS A 655 -0.06 23.01 6.77
CA LYS A 655 1.27 23.57 6.52
C LYS A 655 2.29 23.19 7.59
N ASN A 656 1.85 22.70 8.75
CA ASN A 656 2.79 22.34 9.80
C ASN A 656 3.50 21.02 9.52
N GLY A 657 3.08 20.27 8.51
CA GLY A 657 3.67 18.96 8.29
C GLY A 657 3.10 17.93 9.24
N ILE A 658 3.89 16.90 9.51
CA ILE A 658 3.50 15.82 10.41
C ILE A 658 4.61 15.63 11.44
N SER A 659 4.23 15.60 12.71
CA SER A 659 5.15 15.23 13.79
C SER A 659 4.31 14.54 14.86
N GLN A 660 4.23 13.22 14.77
CA GLN A 660 3.27 12.45 15.55
C GLN A 660 3.99 11.37 16.35
N VAL A 661 3.68 11.28 17.64
CA VAL A 661 4.24 10.28 18.53
C VAL A 661 3.08 9.45 19.06
N GLY A 662 3.17 8.14 18.90
CA GLY A 662 2.10 7.23 19.27
C GLY A 662 2.58 6.17 20.24
N ALA A 663 1.77 5.91 21.27
CA ALA A 663 2.02 4.86 22.24
C ALA A 663 0.83 3.92 22.28
N VAL A 664 1.11 2.63 22.32
CA VAL A 664 0.07 1.60 22.38
C VAL A 664 0.46 0.59 23.44
N ALA A 665 -0.53 0.15 24.22
CA ALA A 665 -0.28 -0.83 25.26
C ALA A 665 -1.46 -1.77 25.36
N SER A 666 -1.19 -3.01 25.77
CA SER A 666 -2.23 -4.00 25.97
C SER A 666 -1.75 -5.02 26.98
N ARG A 667 -2.58 -5.31 27.99
CA ARG A 667 -2.20 -6.21 29.06
C ARG A 667 -3.41 -6.99 29.57
N PRO A 668 -3.26 -8.29 29.79
CA PRO A 668 -4.33 -9.07 30.42
C PRO A 668 -4.17 -9.17 31.93
N ILE A 669 -5.29 -9.36 32.60
CA ILE A 669 -5.34 -9.50 34.05
C ILE A 669 -6.24 -10.67 34.40
N ALA A 670 -5.70 -11.60 35.20
CA ALA A 670 -6.44 -12.71 35.79
C ALA A 670 -6.96 -13.71 34.76
N ASP A 671 -6.42 -13.67 33.54
CA ASP A 671 -6.79 -14.57 32.43
C ASP A 671 -8.22 -14.35 31.92
N ARG A 672 -8.89 -13.30 32.35
CA ARG A 672 -10.25 -13.00 31.90
C ARG A 672 -10.48 -11.53 31.59
N TRP A 673 -9.60 -10.64 32.01
CA TRP A 673 -9.72 -9.21 31.72
C TRP A 673 -8.63 -8.79 30.75
N SER A 674 -8.96 -7.86 29.85
CA SER A 674 -7.99 -7.33 28.91
C SER A 674 -8.14 -5.82 28.87
N ILE A 675 -7.03 -5.11 29.06
CA ILE A 675 -7.01 -3.65 29.04
C ILE A 675 -6.12 -3.20 27.90
N VAL A 676 -6.63 -2.29 27.07
CA VAL A 676 -5.94 -1.80 25.89
C VAL A 676 -5.99 -0.28 25.90
N GLY A 677 -4.87 0.34 25.58
CA GLY A 677 -4.79 1.79 25.53
C GLY A 677 -3.96 2.26 24.36
N ALA A 678 -4.31 3.43 23.85
CA ALA A 678 -3.59 4.03 22.74
C ALA A 678 -3.64 5.54 22.87
N TYR A 679 -2.55 6.21 22.49
CA TYR A 679 -2.46 7.66 22.60
C TYR A 679 -1.53 8.17 21.52
N TYR A 680 -2.08 8.88 20.53
CA TYR A 680 -1.33 9.48 19.46
C TYR A 680 -1.41 10.99 19.59
N TYR A 681 -0.25 11.63 19.69
CA TYR A 681 -0.10 13.02 20.08
C TYR A 681 0.73 13.76 19.04
N ASP A 682 0.30 14.97 18.71
CA ASP A 682 0.97 15.79 17.69
C ASP A 682 1.87 16.78 18.40
N THR A 683 3.19 16.66 18.16
CA THR A 683 4.15 17.50 18.86
C THR A 683 4.20 18.92 18.30
N ASN A 684 3.82 19.12 17.04
CA ASN A 684 3.89 20.45 16.44
C ASN A 684 2.88 21.39 17.09
N ALA A 685 1.62 20.96 17.19
CA ALA A 685 0.58 21.75 17.81
C ALA A 685 0.49 21.53 19.31
N ASN A 686 1.21 20.54 19.84
CA ASN A 686 1.14 20.18 21.25
C ASN A 686 -0.28 19.79 21.66
N LYS A 687 -0.97 19.10 20.75
CA LYS A 687 -2.35 18.69 20.96
C LYS A 687 -2.51 17.21 20.62
N GLN A 688 -3.40 16.56 21.36
CA GLN A 688 -3.73 15.17 21.10
C GLN A 688 -4.46 15.01 19.79
N ALA A 689 -4.16 13.93 19.08
CA ALA A 689 -4.85 13.57 17.85
C ALA A 689 -5.80 12.39 18.02
N ASP A 690 -5.37 11.36 18.75
CA ASP A 690 -6.20 10.19 18.97
C ASP A 690 -5.94 9.65 20.37
N SER A 691 -6.99 9.17 21.02
CA SER A 691 -6.86 8.57 22.34
C SER A 691 -7.92 7.49 22.47
N MET A 692 -7.53 6.34 23.01
CA MET A 692 -8.43 5.19 23.06
C MET A 692 -8.16 4.38 24.31
N LEU A 693 -9.25 3.93 24.96
CA LEU A 693 -9.20 3.02 26.07
C LEU A 693 -10.20 1.90 25.83
N GLY A 694 -9.88 0.71 26.33
CA GLY A 694 -10.77 -0.42 26.16
C GLY A 694 -10.59 -1.49 27.22
N VAL A 695 -11.70 -2.00 27.75
CA VAL A 695 -11.67 -3.05 28.76
C VAL A 695 -12.64 -4.13 28.33
N GLN A 696 -12.16 -5.37 28.26
CA GLN A 696 -13.00 -6.50 27.89
C GLN A 696 -12.89 -7.60 28.93
N TYR A 697 -14.03 -8.08 29.41
CA TYR A 697 -14.09 -9.22 30.30
C TYR A 697 -14.63 -10.40 29.52
N SER A 698 -13.83 -11.47 29.45
CA SER A 698 -14.17 -12.66 28.68
C SER A 698 -14.49 -13.80 29.63
N SER A 699 -15.63 -14.45 29.41
CA SER A 699 -16.07 -15.57 30.20
C SER A 699 -16.29 -16.79 29.31
N CYS A 700 -16.84 -17.85 29.90
CA CYS A 700 -17.02 -19.10 29.16
C CYS A 700 -18.05 -18.95 28.05
N CYS A 701 -19.13 -18.21 28.30
CA CYS A 701 -20.23 -18.12 27.36
C CYS A 701 -20.53 -16.71 26.87
N TYR A 702 -19.83 -15.69 27.35
CA TYR A 702 -20.08 -14.34 26.90
C TYR A 702 -18.85 -13.47 27.13
N ALA A 703 -18.80 -12.36 26.42
CA ALA A 703 -17.73 -11.38 26.54
C ALA A 703 -18.33 -9.98 26.52
N ILE A 704 -17.90 -9.14 27.46
CA ILE A 704 -18.41 -7.78 27.61
C ILE A 704 -17.28 -6.82 27.34
N ARG A 705 -17.48 -5.89 26.40
CA ARG A 705 -16.46 -4.93 26.00
C ARG A 705 -16.98 -3.52 26.20
N VAL A 706 -16.16 -2.68 26.83
CA VAL A 706 -16.45 -1.26 27.00
C VAL A 706 -15.29 -0.50 26.40
N GLY A 707 -15.59 0.37 25.44
CA GLY A 707 -14.55 1.11 24.75
C GLY A 707 -14.84 2.60 24.79
N TYR A 708 -13.76 3.37 24.66
CA TYR A 708 -13.85 4.82 24.65
C TYR A 708 -12.79 5.37 23.70
N GLU A 709 -13.16 6.37 22.91
CA GLU A 709 -12.21 6.98 21.99
C GLU A 709 -12.51 8.46 21.81
N ARG A 710 -11.48 9.28 21.93
CA ARG A 710 -11.52 10.69 21.59
C ARG A 710 -10.60 10.92 20.40
N LYS A 711 -11.18 11.34 19.27
CA LYS A 711 -10.42 11.41 18.02
C LYS A 711 -10.65 12.74 17.33
N LEU A 712 -9.65 13.16 16.56
CA LEU A 712 -9.86 14.27 15.63
C LEU A 712 -10.93 13.89 14.62
N ASN A 713 -11.88 14.80 14.40
CA ASN A 713 -13.04 14.51 13.57
C ASN A 713 -13.28 15.53 12.46
N GLY A 714 -12.64 16.68 12.49
CA GLY A 714 -12.87 17.69 11.46
C GLY A 714 -12.17 18.98 11.80
N TRP A 715 -12.55 20.03 11.09
CA TRP A 715 -11.94 21.34 11.26
C TRP A 715 -13.04 22.39 11.35
N ASP A 716 -12.83 23.38 12.22
CA ASP A 716 -13.75 24.50 12.37
C ASP A 716 -13.15 25.70 11.66
N ASN A 717 -13.65 25.99 10.45
CA ASN A 717 -13.10 27.09 9.67
C ASN A 717 -13.40 28.45 10.31
N ASP A 718 -14.49 28.54 11.07
CA ASP A 718 -14.86 29.82 11.69
C ASP A 718 -13.87 30.19 12.79
N LYS A 719 -13.75 29.36 13.82
CA LYS A 719 -12.85 29.65 14.93
C LYS A 719 -11.42 29.17 14.67
N GLN A 720 -11.20 28.39 13.61
CA GLN A 720 -9.86 27.94 13.24
C GLN A 720 -9.25 27.02 14.31
N HIS A 721 -10.01 26.00 14.70
CA HIS A 721 -9.48 24.95 15.56
C HIS A 721 -10.09 23.62 15.16
N ALA A 722 -9.40 22.55 15.53
CA ALA A 722 -9.87 21.21 15.21
C ALA A 722 -11.10 20.86 16.05
N VAL A 723 -11.81 19.83 15.60
CA VAL A 723 -13.00 19.32 16.29
C VAL A 723 -12.67 17.91 16.79
N TYR A 724 -13.10 17.61 18.02
CA TYR A 724 -12.86 16.32 18.63
C TYR A 724 -14.17 15.61 18.88
N ASP A 725 -14.17 14.30 18.62
CA ASP A 725 -15.38 13.47 18.82
C ASP A 725 -15.12 12.43 19.89
N ASN A 726 -15.88 12.47 20.97
CA ASN A 726 -15.75 11.53 22.08
C ASN A 726 -16.87 10.50 21.97
N ALA A 727 -16.50 9.22 22.03
CA ALA A 727 -17.46 8.14 21.99
C ALA A 727 -17.13 7.12 23.06
N ILE A 728 -18.17 6.50 23.60
CA ILE A 728 -18.02 5.45 24.60
C ILE A 728 -19.10 4.40 24.38
N GLY A 729 -18.69 3.17 24.06
CA GLY A 729 -19.62 2.15 23.65
C GLY A 729 -19.55 0.92 24.55
N PHE A 730 -20.71 0.29 24.69
CA PHE A 730 -20.90 -0.92 25.47
C PHE A 730 -21.45 -2.01 24.55
N ASN A 731 -20.75 -3.14 24.49
CA ASN A 731 -21.13 -4.21 23.57
C ASN A 731 -20.88 -5.55 24.23
N ILE A 732 -21.92 -6.37 24.33
CA ILE A 732 -21.83 -7.71 24.88
C ILE A 732 -22.09 -8.70 23.76
N GLU A 733 -21.32 -9.78 23.73
CA GLU A 733 -21.45 -10.81 22.71
C GLU A 733 -21.50 -12.18 23.37
N LEU A 734 -22.21 -13.11 22.73
CA LEU A 734 -22.43 -14.44 23.29
C LEU A 734 -21.38 -15.40 22.75
N ARG A 735 -20.64 -16.03 23.66
CA ARG A 735 -19.60 -16.98 23.31
C ARG A 735 -20.18 -18.40 23.31
N GLY A 736 -19.31 -19.39 23.22
CA GLY A 736 -19.71 -20.78 23.35
C GLY A 736 -20.06 -21.48 22.06
N LEU A 737 -20.29 -20.74 20.97
CA LEU A 737 -20.62 -21.33 19.68
C LEU A 737 -19.39 -21.55 18.80
N SER A 738 -18.20 -21.26 19.30
CA SER A 738 -16.98 -21.40 18.51
C SER A 738 -15.82 -21.71 19.44
N SER A 739 -14.69 -22.09 18.84
CA SER A 739 -13.48 -22.40 19.59
C SER A 739 -12.66 -21.16 19.91
N ASN A 740 -13.11 -19.98 19.49
CA ASN A 740 -12.39 -18.74 19.79
C ASN A 740 -12.48 -18.44 21.28
N TYR A 741 -11.33 -18.47 21.96
CA TYR A 741 -11.26 -18.16 23.38
C TYR A 741 -10.31 -17.01 23.67
N GLY A 742 -10.07 -16.15 22.69
CA GLY A 742 -9.17 -15.04 22.88
C GLY A 742 -9.75 -13.98 23.79
N LEU A 743 -8.88 -13.11 24.29
CA LEU A 743 -9.27 -12.05 25.21
C LEU A 743 -9.72 -10.78 24.50
N GLY A 744 -9.72 -10.76 23.18
CA GLY A 744 -10.24 -9.63 22.44
C GLY A 744 -9.30 -8.46 22.30
N THR A 745 -8.02 -8.61 22.64
CA THR A 745 -7.10 -7.49 22.59
C THR A 745 -6.85 -7.03 21.16
N GLN A 746 -6.77 -7.97 20.22
CA GLN A 746 -6.33 -7.63 18.87
C GLN A 746 -7.36 -6.77 18.14
N GLU A 747 -8.63 -7.18 18.16
CA GLU A 747 -9.64 -6.36 17.50
C GLU A 747 -10.00 -5.12 18.30
N MET A 748 -9.70 -5.09 19.61
CA MET A 748 -9.81 -3.85 20.36
C MET A 748 -8.75 -2.86 19.91
N LEU A 749 -7.55 -3.35 19.58
CA LEU A 749 -6.47 -2.47 19.16
C LEU A 749 -6.70 -1.87 17.77
N ARG A 750 -7.61 -2.46 16.98
CA ARG A 750 -7.91 -1.97 15.64
C ARG A 750 -9.08 -1.00 15.61
N SER A 751 -9.64 -0.64 16.77
CA SER A 751 -10.86 0.15 16.79
C SER A 751 -10.61 1.61 16.41
N ASN A 752 -9.50 2.18 16.89
CA ASN A 752 -9.27 3.61 16.72
C ASN A 752 -8.95 3.94 15.26
N ILE A 753 -8.87 5.24 14.99
CA ILE A 753 -8.59 5.73 13.63
C ILE A 753 -7.15 5.52 13.20
N LEU A 754 -6.27 5.16 14.13
CA LEU A 754 -4.88 4.84 13.83
C LEU A 754 -4.64 3.43 14.35
N PRO A 755 -5.03 2.42 13.57
CA PRO A 755 -5.02 1.04 14.08
C PRO A 755 -3.63 0.52 14.33
N TYR A 756 -3.53 -0.39 15.30
CA TYR A 756 -2.26 -1.01 15.64
C TYR A 756 -1.79 -1.91 14.51
N GLN A 757 -0.48 -1.86 14.23
CA GLN A 757 0.15 -2.73 13.24
C GLN A 757 1.36 -3.39 13.89
N ASN A 758 1.48 -4.70 13.70
CA ASN A 758 2.56 -5.46 14.32
C ASN A 758 3.87 -5.18 13.58
N THR A 759 4.81 -4.57 14.28
CA THR A 759 6.16 -4.36 13.76
C THR A 759 7.14 -5.41 14.28
N LEU A 760 6.64 -6.53 14.77
CA LEU A 760 7.47 -7.64 15.26
C LEU A 760 8.32 -7.22 16.46
N GLY B 2 38.44 -9.13 7.27
CA GLY B 2 38.22 -10.54 7.04
C GLY B 2 37.10 -10.82 6.04
N TRP B 3 36.84 -9.84 5.17
CA TRP B 3 35.79 -9.99 4.18
C TRP B 3 36.22 -10.94 3.07
N HIS B 4 35.22 -11.56 2.43
CA HIS B 4 35.46 -12.38 1.25
C HIS B 4 34.15 -12.51 0.49
N LEU B 5 34.26 -12.78 -0.80
CA LEU B 5 33.07 -12.94 -1.64
C LEU B 5 32.29 -14.17 -1.19
N ARG B 6 30.97 -14.10 -1.36
CA ARG B 6 30.10 -15.21 -0.96
C ARG B 6 30.40 -16.45 -1.81
N ASP B 7 30.97 -17.46 -1.16
CA ASP B 7 31.42 -18.67 -1.85
C ASP B 7 30.34 -19.73 -1.92
N THR B 8 29.15 -19.46 -1.41
CA THR B 8 28.04 -20.41 -1.46
C THR B 8 26.84 -19.75 -2.13
N THR B 9 26.07 -20.56 -2.84
CA THR B 9 24.89 -20.07 -3.53
C THR B 9 23.82 -19.64 -2.53
N GLN B 10 22.94 -18.74 -2.97
CA GLN B 10 21.89 -18.22 -2.10
C GLN B 10 20.92 -19.32 -1.71
N VAL B 11 20.44 -20.08 -2.69
CA VAL B 11 19.57 -21.23 -2.43
C VAL B 11 20.45 -22.42 -2.13
N PRO B 12 20.12 -23.25 -1.14
CA PRO B 12 20.96 -24.41 -0.81
C PRO B 12 21.04 -25.42 -1.94
N SER B 13 22.10 -26.23 -1.97
CA SER B 13 22.31 -27.16 -3.06
C SER B 13 21.24 -28.24 -3.09
N THR B 14 20.68 -28.59 -1.93
CA THR B 14 19.62 -29.58 -1.90
C THR B 14 18.34 -29.05 -2.53
N MET B 15 18.10 -27.75 -2.46
CA MET B 15 16.90 -27.12 -3.00
C MET B 15 17.12 -26.55 -4.40
N LYS B 16 18.11 -27.06 -5.13
CA LYS B 16 18.34 -26.58 -6.49
C LYS B 16 17.18 -26.94 -7.40
N VAL B 17 16.65 -28.15 -7.27
CA VAL B 17 15.48 -28.60 -8.01
C VAL B 17 14.35 -28.81 -7.01
N MET B 18 13.27 -28.05 -7.17
CA MET B 18 12.17 -28.09 -6.21
C MET B 18 10.84 -28.02 -6.97
N ILE B 19 9.76 -28.05 -6.21
CA ILE B 19 8.41 -27.96 -6.74
C ILE B 19 7.73 -26.75 -6.12
N LEU B 20 7.18 -25.88 -6.96
CA LEU B 20 6.46 -24.70 -6.50
C LEU B 20 4.97 -25.00 -6.63
N ASP B 21 4.29 -25.08 -5.49
CA ASP B 21 2.86 -25.37 -5.44
C ASP B 21 2.15 -24.24 -4.71
N SER B 22 1.03 -23.80 -5.29
CA SER B 22 0.23 -22.73 -4.68
C SER B 22 -1.22 -22.93 -5.05
N GLY B 23 -2.10 -22.30 -4.27
CA GLY B 23 -3.51 -22.27 -4.62
C GLY B 23 -3.89 -21.23 -5.64
N ASP B 24 -2.98 -20.31 -5.95
CA ASP B 24 -3.18 -19.29 -6.98
C ASP B 24 -1.93 -19.29 -7.86
N PRO B 25 -1.77 -20.30 -8.70
CA PRO B 25 -0.53 -20.40 -9.51
C PRO B 25 -0.34 -19.26 -10.49
N ASN B 26 -1.41 -18.63 -10.95
CA ASN B 26 -1.32 -17.52 -11.89
C ASN B 26 -1.34 -16.17 -11.19
N GLY B 27 -1.35 -16.14 -9.87
CA GLY B 27 -1.37 -14.89 -9.13
C GLY B 27 -0.04 -14.17 -9.19
N PRO B 28 -0.05 -12.89 -8.78
CA PRO B 28 1.21 -12.13 -8.80
C PRO B 28 2.28 -12.66 -7.85
N LEU B 29 1.88 -13.19 -6.70
CA LEU B 29 2.87 -13.70 -5.75
C LEU B 29 3.57 -14.95 -6.30
N SER B 30 2.80 -15.85 -6.92
CA SER B 30 3.40 -17.04 -7.50
C SER B 30 4.33 -16.69 -8.64
N ARG B 31 3.94 -15.69 -9.46
CA ARG B 31 4.81 -15.24 -10.54
C ARG B 31 6.10 -14.64 -10.00
N ALA B 32 6.00 -13.82 -8.95
CA ALA B 32 7.19 -13.21 -8.35
C ALA B 32 8.11 -14.27 -7.75
N VAL B 33 7.53 -15.26 -7.05
CA VAL B 33 8.34 -16.31 -6.44
C VAL B 33 9.01 -17.16 -7.51
N ARG B 34 8.29 -17.48 -8.59
CA ARG B 34 8.88 -18.26 -9.67
C ARG B 34 9.99 -17.50 -10.36
N ASN B 35 9.81 -16.20 -10.57
CA ASN B 35 10.86 -15.39 -11.18
C ASN B 35 12.09 -15.31 -10.27
N GLN B 36 11.87 -15.15 -8.96
CA GLN B 36 13.00 -15.11 -8.02
C GLN B 36 13.74 -16.44 -7.99
N LEU B 37 13.00 -17.55 -8.01
CA LEU B 37 13.64 -18.86 -8.02
C LEU B 37 14.42 -19.09 -9.30
N ARG B 38 13.87 -18.67 -10.44
CA ARG B 38 14.60 -18.80 -11.69
C ARG B 38 15.82 -17.89 -11.73
N LEU B 39 15.78 -16.76 -11.01
CA LEU B 39 16.94 -15.89 -10.92
C LEU B 39 18.12 -16.59 -10.25
N ASN B 40 17.84 -17.38 -9.21
CA ASN B 40 18.87 -18.10 -8.47
C ASN B 40 19.21 -19.46 -9.08
N GLY B 41 18.83 -19.69 -10.33
CA GLY B 41 19.16 -20.95 -10.98
C GLY B 41 18.51 -22.16 -10.35
N VAL B 42 17.24 -22.04 -9.97
CA VAL B 42 16.48 -23.14 -9.37
C VAL B 42 15.55 -23.71 -10.42
N GLU B 43 15.50 -25.04 -10.51
CA GLU B 43 14.64 -25.71 -11.47
C GLU B 43 13.32 -26.08 -10.80
N LEU B 44 12.23 -25.54 -11.31
CA LEU B 44 10.90 -25.77 -10.76
C LEU B 44 10.20 -26.87 -11.55
N LEU B 45 9.60 -27.81 -10.82
CA LEU B 45 8.86 -28.91 -11.43
C LEU B 45 7.37 -28.75 -11.15
N ASP B 46 6.56 -29.46 -11.92
CA ASP B 46 5.13 -29.45 -11.71
C ASP B 46 4.79 -30.19 -10.43
N LYS B 47 3.60 -29.90 -9.88
CA LYS B 47 3.16 -30.56 -8.65
C LYS B 47 2.88 -32.04 -8.86
N GLU B 48 2.63 -32.47 -10.09
CA GLU B 48 2.39 -33.87 -10.42
C GLU B 48 3.67 -34.63 -10.78
N THR B 49 4.84 -34.05 -10.51
CA THR B 49 6.09 -34.67 -10.91
C THR B 49 6.33 -35.96 -10.12
N THR B 50 6.73 -37.01 -10.85
CA THR B 50 6.93 -38.31 -10.24
C THR B 50 8.23 -38.41 -9.46
N ARG B 51 9.12 -37.42 -9.60
CA ARG B 51 10.36 -37.43 -8.85
C ARG B 51 10.09 -37.23 -7.36
N LYS B 52 10.65 -38.12 -6.55
CA LYS B 52 10.53 -38.05 -5.11
C LYS B 52 11.75 -37.33 -4.54
N ASP B 53 11.85 -37.31 -3.21
CA ASP B 53 12.88 -36.66 -2.40
C ASP B 53 13.28 -35.27 -2.89
N VAL B 54 12.30 -34.49 -3.31
CA VAL B 54 12.52 -33.13 -3.79
C VAL B 54 11.76 -32.18 -2.85
N PRO B 55 12.38 -31.11 -2.36
CA PRO B 55 11.66 -30.19 -1.48
C PRO B 55 10.53 -29.48 -2.22
N SER B 56 9.43 -29.27 -1.50
CA SER B 56 8.24 -28.67 -2.07
C SER B 56 7.88 -27.40 -1.31
N LEU B 57 7.70 -26.30 -2.04
CA LEU B 57 7.38 -25.01 -1.45
C LEU B 57 5.93 -24.68 -1.77
N ARG B 58 5.08 -24.67 -0.74
CA ARG B 58 3.68 -24.28 -0.90
C ARG B 58 3.48 -22.87 -0.36
N LEU B 59 2.91 -22.01 -1.20
CA LEU B 59 2.63 -20.63 -0.82
C LEU B 59 1.28 -20.56 -0.12
N GLY B 60 1.25 -19.96 1.06
CA GLY B 60 0.06 -19.85 1.85
C GLY B 60 -0.75 -18.61 1.51
N LYS B 61 -1.59 -18.21 2.46
CA LYS B 61 -2.44 -17.05 2.25
C LYS B 61 -1.61 -15.78 2.17
N VAL B 62 -2.06 -14.83 1.36
CA VAL B 62 -1.42 -13.52 1.22
C VAL B 62 -2.38 -12.47 1.72
N SER B 63 -1.93 -11.65 2.66
CA SER B 63 -2.76 -10.61 3.26
C SER B 63 -2.13 -9.25 2.96
N ILE B 64 -2.95 -8.31 2.51
CA ILE B 64 -2.51 -6.94 2.26
C ILE B 64 -3.43 -6.01 3.02
N ALA B 65 -2.87 -5.19 3.89
CA ALA B 65 -3.62 -4.24 4.68
C ALA B 65 -3.13 -2.83 4.38
N LYS B 66 -4.06 -1.87 4.40
CA LYS B 66 -3.74 -0.48 4.08
C LYS B 66 -4.43 0.40 5.13
N ASP B 67 -3.67 0.85 6.11
CA ASP B 67 -4.22 1.62 7.22
C ASP B 67 -3.64 3.03 7.20
N THR B 68 -4.07 3.84 8.17
CA THR B 68 -3.61 5.22 8.30
C THR B 68 -2.54 5.28 9.37
N ALA B 69 -1.36 5.78 9.01
CA ALA B 69 -0.26 5.89 9.96
C ALA B 69 -0.26 7.23 10.69
N SER B 70 -0.49 8.32 9.97
CA SER B 70 -0.53 9.65 10.55
C SER B 70 -1.68 10.44 9.93
N VAL B 71 -2.14 11.45 10.67
CA VAL B 71 -3.26 12.27 10.25
C VAL B 71 -2.89 13.74 10.39
N PHE B 72 -3.62 14.58 9.66
CA PHE B 72 -3.38 16.02 9.68
C PHE B 72 -4.05 16.63 10.92
N ARG B 73 -4.09 17.95 10.99
CA ARG B 73 -4.70 18.62 12.14
C ARG B 73 -6.22 18.53 12.12
N ASN B 74 -6.83 18.21 10.98
CA ASN B 74 -8.27 18.10 10.87
C ASN B 74 -8.76 16.66 10.91
N GLY B 75 -7.86 15.71 11.18
CA GLY B 75 -8.23 14.31 11.24
C GLY B 75 -8.11 13.57 9.93
N GLN B 76 -7.90 14.26 8.82
CA GLN B 76 -7.75 13.59 7.54
C GLN B 76 -6.43 12.82 7.51
N THR B 77 -6.45 11.67 6.85
CA THR B 77 -5.24 10.86 6.75
C THR B 77 -4.18 11.56 5.91
N ALA B 78 -2.92 11.40 6.32
CA ALA B 78 -1.78 11.94 5.60
C ALA B 78 -0.88 10.86 5.02
N GLU B 79 -0.50 9.88 5.84
CA GLU B 79 0.33 8.77 5.41
C GLU B 79 -0.48 7.49 5.48
N TYR B 80 -0.45 6.71 4.40
CA TYR B 80 -1.04 5.38 4.39
C TYR B 80 0.08 4.36 4.51
N GLN B 81 -0.07 3.46 5.47
CA GLN B 81 0.88 2.37 5.69
C GLN B 81 0.29 1.09 5.15
N MET B 82 1.04 0.44 4.26
CA MET B 82 0.64 -0.82 3.64
C MET B 82 1.50 -1.94 4.18
N ILE B 83 0.85 -3.03 4.57
CA ILE B 83 1.51 -4.19 5.18
C ILE B 83 1.17 -5.41 4.36
N MET B 84 2.20 -6.14 3.92
CA MET B 84 2.01 -7.38 3.19
C MET B 84 2.54 -8.53 4.03
N THR B 85 1.68 -9.51 4.29
CA THR B 85 2.05 -10.69 5.05
C THR B 85 1.86 -11.91 4.17
N VAL B 86 2.92 -12.71 4.02
CA VAL B 86 2.90 -13.91 3.19
C VAL B 86 3.38 -15.08 4.03
N ASN B 87 2.74 -16.23 3.87
CA ASN B 87 3.12 -17.44 4.56
C ASN B 87 3.37 -18.55 3.57
N ALA B 88 4.31 -19.44 3.90
CA ALA B 88 4.63 -20.56 3.04
C ALA B 88 5.19 -21.69 3.89
N THR B 89 5.19 -22.89 3.32
CA THR B 89 5.76 -24.06 3.97
C THR B 89 6.70 -24.76 3.01
N VAL B 90 7.91 -25.05 3.48
CA VAL B 90 8.88 -25.82 2.71
C VAL B 90 8.95 -27.20 3.33
N LEU B 91 8.59 -28.22 2.56
CA LEU B 91 8.59 -29.59 3.03
C LEU B 91 9.77 -30.32 2.41
N ILE B 92 10.65 -30.83 3.26
CA ILE B 92 11.60 -31.87 2.88
C ILE B 92 10.90 -33.21 3.10
N PRO B 93 10.69 -34.02 2.06
CA PRO B 93 9.78 -35.17 2.19
C PRO B 93 10.21 -36.22 3.20
N GLY B 94 11.52 -36.43 3.34
CA GLY B 94 11.99 -37.31 4.39
C GLY B 94 11.86 -36.70 5.77
N ARG B 95 12.30 -35.45 5.92
CA ARG B 95 12.45 -34.87 7.25
C ARG B 95 11.15 -34.30 7.79
N ASP B 96 10.65 -33.20 7.18
CA ASP B 96 9.59 -32.43 7.83
C ASP B 96 9.11 -31.23 7.04
N ILE B 97 8.08 -30.57 7.55
CA ILE B 97 7.55 -29.33 7.00
C ILE B 97 8.00 -28.18 7.89
N TYR B 98 8.64 -27.17 7.29
CA TYR B 98 9.10 -25.99 8.01
C TYR B 98 8.35 -24.78 7.52
N PRO B 99 7.67 -24.02 8.39
CA PRO B 99 6.95 -22.83 7.94
C PRO B 99 7.83 -21.59 7.95
N ILE B 100 7.62 -20.74 6.95
CA ILE B 100 8.31 -19.47 6.81
C ILE B 100 7.29 -18.40 6.47
N SER B 101 7.66 -17.15 6.71
CA SER B 101 6.76 -16.03 6.45
C SER B 101 7.57 -14.80 6.10
N ALA B 102 6.91 -13.87 5.41
CA ALA B 102 7.53 -12.62 5.00
C ALA B 102 6.58 -11.47 5.30
N LYS B 103 7.14 -10.35 5.77
CA LYS B 103 6.38 -9.14 6.04
C LYS B 103 7.05 -7.97 5.33
N VAL B 104 6.26 -7.22 4.58
CA VAL B 104 6.76 -6.07 3.82
C VAL B 104 6.01 -4.83 4.29
N PHE B 105 6.77 -3.79 4.63
CA PHE B 105 6.24 -2.53 5.10
C PHE B 105 6.45 -1.47 4.02
N ARG B 106 5.39 -0.74 3.68
CA ARG B 106 5.49 0.37 2.74
C ARG B 106 4.62 1.51 3.23
N SER B 107 4.87 2.70 2.68
CA SER B 107 4.09 3.86 3.08
C SER B 107 4.04 4.85 1.91
N PHE B 108 2.95 5.61 1.85
CA PHE B 108 2.82 6.62 0.80
C PHE B 108 1.85 7.69 1.25
N PHE B 109 2.10 8.92 0.78
CA PHE B 109 1.25 10.05 1.16
C PHE B 109 -0.02 10.07 0.33
N ASP B 110 -1.10 10.55 0.93
CA ASP B 110 -2.39 10.60 0.29
C ASP B 110 -2.66 11.98 -0.29
N ASN B 111 -3.36 12.01 -1.42
CA ASN B 111 -3.71 13.26 -2.10
C ASN B 111 -5.02 13.04 -2.82
N PRO B 112 -6.14 13.51 -2.26
CA PRO B 112 -7.44 13.32 -2.92
C PRO B 112 -7.54 14.01 -4.28
N GLN B 113 -6.92 15.18 -4.43
CA GLN B 113 -7.03 15.95 -5.67
C GLN B 113 -6.44 15.23 -6.87
N MET B 114 -5.47 14.34 -6.65
CA MET B 114 -4.92 13.46 -7.66
C MET B 114 -5.16 12.01 -7.30
N ALA B 115 -6.35 11.73 -6.76
CA ALA B 115 -6.64 10.47 -6.07
C ALA B 115 -6.46 9.27 -6.99
N LEU B 116 -6.96 9.36 -8.22
CA LEU B 116 -6.81 8.30 -9.21
C LEU B 116 -5.34 7.98 -9.45
N ALA B 117 -4.52 9.03 -9.58
CA ALA B 117 -3.08 8.85 -9.75
C ALA B 117 -2.49 8.13 -8.55
N LYS B 118 -2.95 8.49 -7.36
CA LYS B 118 -2.49 7.84 -6.13
C LYS B 118 -2.82 6.37 -6.16
N ASP B 119 -4.00 6.02 -6.69
CA ASP B 119 -4.41 4.63 -6.81
C ASP B 119 -3.45 3.86 -7.70
N ASN B 120 -3.04 4.48 -8.81
CA ASN B 120 -2.06 3.87 -9.70
C ASN B 120 -0.75 3.65 -8.97
N GLU B 121 -0.35 4.65 -8.17
CA GLU B 121 0.86 4.54 -7.36
C GLU B 121 0.75 3.39 -6.40
N GLN B 122 -0.45 3.23 -5.79
CA GLN B 122 -0.69 2.14 -4.85
C GLN B 122 -0.51 0.80 -5.55
N ASP B 123 -1.01 0.70 -6.79
CA ASP B 123 -0.87 -0.53 -7.56
C ASP B 123 0.60 -0.83 -7.80
N MET B 124 1.37 0.22 -8.13
CA MET B 124 2.80 0.07 -8.36
C MET B 124 3.47 -0.42 -7.08
N ILE B 125 3.03 0.11 -5.94
CA ILE B 125 3.60 -0.28 -4.65
C ILE B 125 3.34 -1.75 -4.41
N VAL B 126 2.13 -2.21 -4.74
CA VAL B 126 1.80 -3.62 -4.58
C VAL B 126 2.67 -4.46 -5.50
N LYS B 127 2.90 -3.97 -6.72
CA LYS B 127 3.74 -4.71 -7.66
C LYS B 127 5.18 -4.75 -7.19
N GLU B 128 5.60 -3.78 -6.36
CA GLU B 128 6.91 -3.89 -5.76
C GLU B 128 6.90 -4.91 -4.63
N MET B 129 5.86 -4.89 -3.79
CA MET B 129 5.91 -5.54 -2.48
C MET B 129 6.05 -7.05 -2.60
N TYR B 130 5.28 -7.64 -3.54
CA TYR B 130 5.35 -9.07 -3.82
C TYR B 130 6.77 -9.51 -4.12
N ASP B 131 7.48 -8.72 -4.95
CA ASP B 131 8.85 -9.03 -5.31
C ASP B 131 9.74 -9.04 -4.07
N ARG B 132 9.55 -8.03 -3.20
CA ARG B 132 10.31 -7.96 -1.96
C ARG B 132 10.02 -9.19 -1.10
N ALA B 133 8.74 -9.57 -1.03
CA ALA B 133 8.34 -10.73 -0.24
C ALA B 133 8.98 -11.98 -0.78
N ALA B 134 9.10 -12.07 -2.11
CA ALA B 134 9.73 -13.22 -2.75
C ALA B 134 11.18 -13.35 -2.31
N GLU B 135 11.89 -12.20 -2.27
CA GLU B 135 13.28 -12.21 -1.85
C GLU B 135 13.39 -12.66 -0.41
N GLN B 136 12.44 -12.22 0.43
CA GLN B 136 12.43 -12.59 1.84
C GLN B 136 12.29 -14.09 1.99
N LEU B 137 11.42 -14.69 1.16
CA LEU B 137 11.24 -16.14 1.22
C LEU B 137 12.52 -16.85 0.82
N ILE B 138 13.20 -16.32 -0.20
CA ILE B 138 14.46 -16.90 -0.64
C ILE B 138 15.50 -16.74 0.46
N ARG B 139 15.44 -15.63 1.20
CA ARG B 139 16.42 -15.43 2.26
C ARG B 139 16.17 -16.32 3.46
N LYS B 140 15.04 -17.02 3.54
CA LYS B 140 14.86 -18.02 4.57
C LYS B 140 15.06 -19.44 4.05
N LEU B 141 15.45 -19.60 2.79
CA LEU B 141 15.79 -20.93 2.31
C LEU B 141 17.00 -21.55 3.02
N PRO B 142 18.13 -20.84 3.19
CA PRO B 142 19.26 -21.46 3.92
C PRO B 142 18.95 -21.83 5.37
N SER B 143 18.17 -21.01 6.07
CA SER B 143 17.91 -21.24 7.48
C SER B 143 17.15 -22.55 7.69
N ILE B 144 16.22 -22.87 6.78
CA ILE B 144 15.52 -24.15 6.82
C ILE B 144 16.51 -25.30 6.71
N ARG B 145 17.52 -25.14 5.84
CA ARG B 145 18.61 -26.11 5.78
C ARG B 145 19.33 -26.20 7.10
N ALA B 146 19.58 -25.04 7.74
CA ALA B 146 20.17 -25.04 9.07
C ALA B 146 19.23 -25.66 10.09
N ALA B 147 17.92 -25.62 9.84
CA ALA B 147 16.97 -26.29 10.72
C ALA B 147 16.90 -27.79 10.46
N ASP B 148 17.47 -28.25 9.34
CA ASP B 148 17.36 -29.67 9.01
C ASP B 148 18.60 -30.46 9.44
N ILE B 149 19.79 -29.87 9.30
CA ILE B 149 21.01 -30.56 9.70
C ILE B 149 21.06 -30.75 11.21
N ARG B 150 20.49 -29.81 11.97
CA ARG B 150 20.51 -29.90 13.42
C ARG B 150 19.69 -31.09 13.92
N SER B 151 18.55 -31.35 13.29
CA SER B 151 17.71 -32.48 13.68
C SER B 151 18.30 -33.80 13.20
N ALA C 1 3.23 19.26 -31.94
CA ALA C 1 4.42 19.39 -31.11
C ALA C 1 5.65 18.85 -31.84
N CYS C 2 6.58 18.29 -31.08
CA CYS C 2 7.85 17.78 -31.61
C CYS C 2 8.63 18.90 -32.30
N ARG C 3 9.39 18.55 -33.33
CA ARG C 3 10.17 19.52 -34.09
C ARG C 3 9.93 19.28 -35.57
N ALA C 4 10.55 20.12 -36.40
CA ALA C 4 10.44 19.96 -37.85
C ALA C 4 11.06 18.66 -38.31
N LYS C 5 12.28 18.38 -37.84
CA LYS C 5 12.98 17.14 -38.14
C LYS C 5 13.19 16.43 -36.81
N CYS C 6 12.67 15.20 -36.70
CA CYS C 6 12.85 14.39 -35.51
C CYS C 6 13.03 12.94 -35.92
N ASP C 7 13.70 12.17 -35.06
CA ASP C 7 13.85 10.72 -35.31
C ASP C 7 13.01 9.99 -34.24
N TRP C 8 12.17 9.04 -34.66
CA TRP C 8 11.38 8.27 -33.67
C TRP C 8 12.34 7.47 -32.80
N PHE C 9 13.31 6.79 -33.42
CA PHE C 9 14.35 6.06 -32.64
C PHE C 9 15.53 7.00 -32.55
N SER C 10 15.55 7.86 -31.53
CA SER C 10 16.58 8.90 -31.49
C SER C 10 17.67 8.62 -30.47
N TRP C 11 17.29 8.43 -29.21
CA TRP C 11 18.13 8.30 -28.01
C TRP C 11 18.68 9.64 -27.56
N LEU C 12 18.44 10.73 -28.28
CA LEU C 12 18.92 12.05 -27.92
C LEU C 12 17.80 12.87 -27.29
N ASP C 13 18.13 14.09 -26.87
CA ASP C 13 17.23 14.88 -26.04
C ASP C 13 15.96 15.27 -26.78
N ASP C 14 16.06 16.17 -27.76
CA ASP C 14 14.85 16.71 -28.40
C ASP C 14 14.51 15.94 -29.67
N CYS C 15 14.49 14.61 -29.55
CA CYS C 15 14.21 13.71 -30.67
C CYS C 15 15.17 13.96 -31.84
N ALA C 16 16.43 14.26 -31.54
CA ALA C 16 17.38 14.69 -32.55
C ALA C 16 17.76 13.55 -33.49
#